data_5LLP
#
_entry.id   5LLP
#
_cell.length_a   77.488
_cell.length_b   74.288
_cell.length_c   91.658
_cell.angle_alpha   90.000
_cell.angle_beta   108.970
_cell.angle_gamma   90.000
#
_symmetry.space_group_name_H-M   'P 1 21 1'
#
loop_
_entity.id
_entity.type
_entity.pdbx_description
1 polymer 'Carbonic anhydrase 12'
2 non-polymer 'ZINC ION'
3 non-polymer 3-[(1S)-1,2,3,4-Tetrahydronapthalen-1-ylamino)-2,5,6-trifluoro-4-[(2-hydroxyethyl)sulfonyl]benzenesulfonamide
4 water water
#
_entity_poly.entity_id   1
_entity_poly.type   'polypeptide(L)'
_entity_poly.pdbx_seq_one_letter_code
;MSKWTYFGPDGENSWSKKYPSCGGLLQSPIDLHSDILQYDASLTPLEFQGYNLSANKQFLLTNNGHSVKLNLPSDMHIQG
LQSRYSATQLHLHWGNPNDPHGSEHTVSGQHFAAELHIVHYNSDLYPDASTASNKSEGLAVLAVLIEMGSFNPSYDKIFS
HLQHVKYKGQEAFVPGFNIEELLPERTAEYYRYRGSLTTPPCNPTVLWTVFRNPVQISQEQLLALETALYCTHMDDPSPR
EMINNFRQVQKFDERLVYTSFSQ
;
_entity_poly.pdbx_strand_id   A,B,C,D
#
loop_
_chem_comp.id
_chem_comp.type
_chem_comp.name
_chem_comp.formula
6Z9 non-polymer 3-[(1S)-1,2,3,4-Tetrahydronapthalen-1-ylamino)-2,5,6-trifluoro-4-[(2-hydroxyethyl)sulfonyl]benzenesulfonamide 'C18 H19 F3 N2 O5 S2'
ZN non-polymer 'ZINC ION' 'Zn 2'
#
# COMPACT_ATOMS: atom_id res chain seq x y z
N LYS A 3 14.03 -23.59 22.42
CA LYS A 3 13.61 -22.29 23.06
C LYS A 3 12.08 -22.05 22.87
N TRP A 4 11.66 -21.73 21.66
CA TRP A 4 10.29 -21.24 21.46
C TRP A 4 9.28 -22.36 21.45
N THR A 5 8.07 -22.00 21.84
CA THR A 5 6.97 -23.00 21.97
C THR A 5 5.65 -22.31 21.51
N TYR A 6 4.52 -23.01 21.57
CA TYR A 6 3.22 -22.41 21.32
C TYR A 6 2.39 -22.12 22.55
N PHE A 7 3.02 -22.28 23.71
CA PHE A 7 2.33 -22.01 24.97
C PHE A 7 3.26 -21.30 25.96
N GLY A 8 2.70 -20.98 27.13
CA GLY A 8 3.45 -20.50 28.31
C GLY A 8 4.33 -19.33 27.96
N PRO A 9 5.41 -19.16 28.71
CA PRO A 9 6.27 -18.00 28.67
C PRO A 9 7.00 -17.83 27.37
N ASP A 10 7.23 -18.94 26.66
CA ASP A 10 8.00 -18.88 25.43
C ASP A 10 7.11 -18.99 24.17
N GLY A 11 5.80 -18.79 24.38
CA GLY A 11 4.75 -18.78 23.33
C GLY A 11 4.86 -17.60 22.33
N GLU A 12 3.88 -17.52 21.43
CA GLU A 12 4.02 -16.70 20.23
C GLU A 12 4.11 -15.19 20.52
N ASN A 13 3.59 -14.71 21.67
CA ASN A 13 3.71 -13.27 21.91
C ASN A 13 5.16 -12.92 22.26
N SER A 14 5.98 -13.91 22.59
N SER A 14 5.98 -13.90 22.65
CA SER A 14 7.38 -13.65 22.96
CA SER A 14 7.41 -13.65 23.00
C SER A 14 8.36 -14.07 21.91
C SER A 14 8.36 -13.93 21.82
N TRP A 15 7.93 -14.57 20.76
CA TRP A 15 8.85 -14.90 19.67
C TRP A 15 9.66 -13.75 19.19
N SER A 16 9.13 -12.54 19.19
CA SER A 16 9.80 -11.41 18.58
C SER A 16 11.02 -11.00 19.44
N LYS A 17 11.16 -11.46 20.68
N LYS A 17 11.17 -11.50 20.65
CA LYS A 17 12.41 -11.17 21.44
CA LYS A 17 12.40 -11.08 21.37
C LYS A 17 13.61 -11.67 20.62
C LYS A 17 13.64 -11.71 20.83
N LYS A 18 13.60 -12.99 20.43
CA LYS A 18 14.71 -13.61 19.77
C LYS A 18 14.63 -13.58 18.27
N TYR A 19 13.41 -13.40 17.71
CA TYR A 19 13.24 -13.49 16.29
C TYR A 19 12.52 -12.27 15.82
N PRO A 20 13.24 -11.21 15.54
CA PRO A 20 12.63 -9.95 15.40
C PRO A 20 11.62 -9.92 14.26
N SER A 21 11.77 -10.75 13.17
CA SER A 21 10.77 -10.70 12.10
C SER A 21 9.37 -11.08 12.60
N CYS A 22 9.26 -11.76 13.73
CA CYS A 22 7.93 -12.15 14.19
C CYS A 22 7.11 -10.96 14.59
N GLY A 23 7.79 -9.85 14.81
CA GLY A 23 7.12 -8.57 15.06
C GLY A 23 7.16 -7.60 13.95
N GLY A 24 7.58 -8.02 12.78
CA GLY A 24 7.64 -7.21 11.58
C GLY A 24 6.51 -7.31 10.62
N LEU A 25 6.74 -6.90 9.38
CA LEU A 25 5.75 -6.87 8.38
C LEU A 25 5.43 -8.24 7.82
N LEU A 26 4.28 -8.27 7.15
CA LEU A 26 3.86 -9.33 6.23
C LEU A 26 3.64 -10.65 7.02
N GLN A 27 3.20 -10.59 8.25
CA GLN A 27 3.10 -11.84 9.05
C GLN A 27 1.87 -12.64 8.69
N SER A 28 2.09 -13.95 8.70
CA SER A 28 1.05 -14.97 8.49
C SER A 28 0.86 -15.73 9.80
N PRO A 29 -0.25 -16.46 9.98
CA PRO A 29 -1.34 -16.62 9.04
C PRO A 29 -2.36 -15.52 9.20
N ILE A 30 -3.40 -15.52 8.36
CA ILE A 30 -4.39 -14.44 8.33
C ILE A 30 -5.75 -15.07 8.13
N ASP A 31 -6.78 -14.30 8.47
CA ASP A 31 -8.13 -14.64 8.16
C ASP A 31 -8.46 -14.27 6.72
N LEU A 32 -8.96 -15.23 5.99
CA LEU A 32 -9.38 -15.08 4.58
C LEU A 32 -10.86 -14.80 4.56
N HIS A 33 -11.27 -13.62 4.16
CA HIS A 33 -12.69 -13.28 4.29
C HIS A 33 -13.04 -12.41 3.15
N SER A 34 -14.32 -12.29 2.78
CA SER A 34 -14.65 -11.88 1.38
C SER A 34 -14.32 -10.46 1.03
N ASP A 35 -14.27 -9.61 2.05
CA ASP A 35 -14.01 -8.18 1.88
C ASP A 35 -12.62 -7.88 1.38
N ILE A 36 -11.70 -8.80 1.60
CA ILE A 36 -10.29 -8.56 1.25
C ILE A 36 -9.96 -9.48 0.13
N LEU A 37 -10.95 -10.18 -0.38
CA LEU A 37 -10.62 -11.12 -1.51
C LEU A 37 -10.76 -10.34 -2.89
N GLN A 38 -9.88 -10.63 -3.83
CA GLN A 38 -10.12 -10.05 -5.16
C GLN A 38 -9.68 -11.06 -6.22
N TYR A 39 -10.54 -11.37 -7.18
CA TYR A 39 -10.22 -12.22 -8.28
C TYR A 39 -9.06 -11.66 -9.09
N ASP A 40 -8.12 -12.52 -9.44
CA ASP A 40 -7.02 -12.15 -10.29
C ASP A 40 -6.94 -13.26 -11.32
N ALA A 41 -7.37 -12.93 -12.56
CA ALA A 41 -7.29 -13.86 -13.67
C ALA A 41 -5.86 -14.29 -14.01
N SER A 42 -4.83 -13.62 -13.50
CA SER A 42 -3.44 -14.11 -13.68
C SER A 42 -3.09 -15.37 -12.86
N LEU A 43 -3.98 -15.74 -11.96
CA LEU A 43 -3.71 -16.90 -11.13
C LEU A 43 -4.13 -18.20 -11.77
N THR A 44 -3.23 -18.71 -12.62
CA THR A 44 -3.52 -19.90 -13.33
C THR A 44 -3.21 -21.16 -12.51
N PRO A 45 -3.64 -22.33 -12.99
CA PRO A 45 -3.34 -23.54 -12.19
C PRO A 45 -1.90 -23.86 -12.04
N LEU A 46 -1.47 -24.22 -10.84
CA LEU A 46 -0.13 -24.71 -10.63
C LEU A 46 -0.02 -26.15 -11.21
N GLU A 47 1.20 -26.52 -11.52
CA GLU A 47 1.42 -27.87 -11.90
C GLU A 47 2.36 -28.47 -10.89
N PHE A 48 2.07 -29.70 -10.45
CA PHE A 48 2.83 -30.30 -9.39
C PHE A 48 3.66 -31.41 -10.02
N GLN A 49 4.95 -31.23 -10.08
CA GLN A 49 5.85 -32.07 -10.92
C GLN A 49 6.75 -32.83 -9.99
N GLY A 50 6.88 -34.13 -10.25
CA GLY A 50 7.69 -34.95 -9.40
C GLY A 50 7.04 -35.22 -8.02
N TYR A 51 5.73 -34.97 -7.94
CA TYR A 51 5.05 -35.30 -6.66
C TYR A 51 4.80 -36.82 -6.46
N ASN A 52 4.89 -37.63 -7.53
CA ASN A 52 4.63 -39.05 -7.38
C ASN A 52 5.93 -39.75 -6.93
N LEU A 53 6.24 -39.73 -5.64
CA LEU A 53 7.54 -40.14 -5.15
C LEU A 53 7.80 -41.61 -5.35
N SER A 54 9.03 -41.90 -5.78
CA SER A 54 9.39 -43.31 -6.04
C SER A 54 9.00 -44.16 -4.83
N ALA A 55 8.15 -45.16 -5.02
CA ALA A 55 7.89 -46.09 -3.89
C ALA A 55 9.12 -46.98 -3.59
N ASN A 56 10.21 -46.84 -4.36
CA ASN A 56 11.50 -47.50 -4.02
C ASN A 56 12.46 -46.58 -3.30
N LYS A 57 11.95 -45.42 -2.89
CA LYS A 57 12.76 -44.50 -2.13
C LYS A 57 12.05 -44.34 -0.77
N GLN A 58 12.82 -44.06 0.25
CA GLN A 58 12.29 -43.68 1.58
C GLN A 58 12.60 -42.23 1.91
N PHE A 59 11.64 -41.62 2.62
CA PHE A 59 11.69 -40.21 2.98
C PHE A 59 11.53 -40.08 4.46
N LEU A 60 12.40 -39.26 5.01
CA LEU A 60 12.55 -39.15 6.46
C LEU A 60 11.39 -38.34 7.08
N LEU A 61 10.71 -38.93 8.01
CA LEU A 61 9.75 -38.32 8.91
C LEU A 61 10.43 -38.00 10.24
N THR A 62 10.30 -36.78 10.71
N THR A 62 10.42 -36.76 10.72
CA THR A 62 10.90 -36.42 11.99
CA THR A 62 11.06 -36.46 12.02
C THR A 62 9.83 -35.77 12.89
C THR A 62 10.19 -35.57 12.91
N ASN A 63 10.06 -35.91 14.19
CA ASN A 63 9.39 -35.05 15.16
C ASN A 63 10.46 -34.10 15.62
N ASN A 64 10.24 -32.82 15.35
CA ASN A 64 11.26 -31.83 15.74
C ASN A 64 10.89 -31.03 16.99
N GLY A 65 9.89 -31.49 17.69
CA GLY A 65 9.43 -30.82 18.89
C GLY A 65 8.45 -29.66 18.68
N HIS A 66 8.19 -29.24 17.40
CA HIS A 66 7.17 -28.26 16.94
C HIS A 66 6.09 -28.79 16.04
N SER A 67 6.40 -29.76 15.18
N SER A 67 6.46 -29.65 15.08
CA SER A 67 5.39 -30.42 14.38
CA SER A 67 5.56 -30.23 14.09
C SER A 67 6.01 -31.76 13.99
C SER A 67 6.16 -31.61 13.74
N VAL A 68 5.38 -32.41 13.05
CA VAL A 68 6.00 -33.60 12.51
C VAL A 68 6.34 -33.14 11.08
N LYS A 69 7.56 -33.38 10.63
CA LYS A 69 7.92 -33.02 9.22
C LYS A 69 8.37 -34.21 8.36
N LEU A 70 7.96 -34.23 7.11
CA LEU A 70 8.34 -35.24 6.15
C LEU A 70 9.34 -34.54 5.22
N ASN A 71 10.57 -35.00 5.11
CA ASN A 71 11.52 -34.45 4.11
C ASN A 71 11.13 -34.84 2.71
N LEU A 72 11.27 -33.91 1.78
CA LEU A 72 10.83 -34.13 0.39
C LEU A 72 12.04 -33.85 -0.50
N PRO A 73 12.04 -34.51 -1.68
CA PRO A 73 13.21 -34.39 -2.57
C PRO A 73 13.12 -33.15 -3.46
N SER A 74 14.30 -32.60 -3.76
CA SER A 74 14.27 -31.37 -4.54
C SER A 74 13.90 -31.58 -6.03
N ASP A 75 13.82 -32.82 -6.54
CA ASP A 75 13.17 -32.96 -7.88
C ASP A 75 11.67 -32.75 -7.91
N MET A 76 11.04 -32.62 -6.72
CA MET A 76 9.65 -32.34 -6.61
C MET A 76 9.53 -30.79 -6.67
N HIS A 77 8.67 -30.31 -7.54
CA HIS A 77 8.59 -28.84 -7.65
C HIS A 77 7.28 -28.43 -8.13
N ILE A 78 7.03 -27.14 -7.93
CA ILE A 78 5.92 -26.41 -8.50
C ILE A 78 6.32 -25.74 -9.77
N GLN A 79 5.55 -25.89 -10.83
N GLN A 79 5.49 -25.91 -10.79
CA GLN A 79 5.79 -25.13 -12.03
CA GLN A 79 5.60 -25.25 -12.06
C GLN A 79 4.54 -24.24 -12.20
C GLN A 79 4.47 -24.21 -12.13
N GLY A 80 4.77 -23.04 -12.68
CA GLY A 80 3.70 -22.00 -12.83
C GLY A 80 3.99 -20.64 -12.15
N LEU A 81 4.88 -20.62 -11.18
CA LEU A 81 5.32 -19.39 -10.55
C LEU A 81 6.43 -18.85 -11.47
N GLN A 82 6.92 -17.67 -11.12
CA GLN A 82 7.87 -16.98 -12.03
C GLN A 82 9.19 -17.81 -12.09
N SER A 83 9.50 -18.39 -10.94
CA SER A 83 10.70 -19.23 -10.78
C SER A 83 10.24 -20.61 -10.43
N ARG A 84 11.11 -21.61 -10.58
CA ARG A 84 10.73 -22.94 -10.11
C ARG A 84 10.91 -22.94 -8.62
N TYR A 85 9.91 -23.50 -7.90
CA TYR A 85 10.05 -23.72 -6.47
C TYR A 85 10.11 -25.20 -6.12
N SER A 86 11.18 -25.63 -5.51
CA SER A 86 11.42 -27.05 -5.29
C SER A 86 10.98 -27.38 -3.85
N ALA A 87 10.40 -28.58 -3.70
CA ALA A 87 9.99 -28.97 -2.34
C ALA A 87 11.14 -29.18 -1.43
N THR A 88 10.87 -28.94 -0.14
CA THR A 88 11.84 -29.24 0.93
C THR A 88 11.23 -30.12 2.03
N GLN A 89 9.97 -29.88 2.41
CA GLN A 89 9.37 -30.65 3.51
C GLN A 89 7.89 -30.32 3.52
N LEU A 90 7.17 -31.23 4.13
CA LEU A 90 5.79 -30.96 4.54
C LEU A 90 5.57 -31.21 6.00
N HIS A 91 4.56 -30.59 6.58
CA HIS A 91 4.25 -30.74 8.04
C HIS A 91 2.82 -30.28 8.25
N LEU A 92 2.32 -30.46 9.47
CA LEU A 92 0.95 -30.17 9.78
C LEU A 92 0.84 -29.27 11.03
N HIS A 93 -0.34 -28.65 11.17
CA HIS A 93 -0.74 -27.88 12.39
C HIS A 93 -2.08 -28.37 12.80
N TRP A 94 -2.30 -28.41 14.08
CA TRP A 94 -3.58 -28.93 14.62
C TRP A 94 -3.87 -28.32 15.94
N GLY A 95 -5.05 -28.69 16.45
CA GLY A 95 -5.61 -28.15 17.75
C GLY A 95 -5.41 -29.22 18.86
N ASN A 96 -6.55 -29.59 19.48
CA ASN A 96 -6.51 -30.60 20.53
C ASN A 96 -7.92 -31.17 20.61
N PRO A 97 -8.03 -32.36 21.24
CA PRO A 97 -9.32 -33.02 21.21
C PRO A 97 -10.44 -32.26 21.86
N ASN A 98 -10.13 -31.39 22.83
CA ASN A 98 -11.25 -30.56 23.38
C ASN A 98 -11.66 -29.35 22.55
N ASP A 99 -10.79 -28.93 21.60
CA ASP A 99 -11.07 -27.80 20.72
C ASP A 99 -10.33 -28.15 19.38
N PRO A 100 -10.91 -29.01 18.58
CA PRO A 100 -10.23 -29.61 17.42
C PRO A 100 -10.32 -28.72 16.21
N HIS A 101 -9.78 -27.53 16.40
CA HIS A 101 -9.89 -26.42 15.37
C HIS A 101 -8.61 -25.71 15.28
N GLY A 102 -7.63 -26.36 14.71
CA GLY A 102 -6.28 -25.88 14.77
C GLY A 102 -5.58 -25.58 13.45
N SER A 103 -6.33 -25.26 12.45
CA SER A 103 -5.71 -24.67 11.25
C SER A 103 -5.05 -23.33 11.61
N GLU A 104 -4.11 -22.96 10.77
CA GLU A 104 -3.46 -21.60 10.91
C GLU A 104 -4.29 -20.54 10.24
N HIS A 105 -4.51 -20.69 8.93
CA HIS A 105 -5.47 -19.79 8.26
C HIS A 105 -6.85 -20.04 8.73
N THR A 106 -7.67 -19.01 8.69
CA THR A 106 -9.14 -19.13 8.94
C THR A 106 -9.86 -18.61 7.74
N VAL A 107 -11.11 -19.06 7.56
CA VAL A 107 -11.92 -18.58 6.43
C VAL A 107 -13.22 -18.02 7.05
N SER A 108 -13.45 -16.72 6.83
CA SER A 108 -14.60 -15.97 7.39
C SER A 108 -14.63 -16.18 8.89
N GLY A 109 -13.44 -16.16 9.48
CA GLY A 109 -13.23 -16.19 10.89
C GLY A 109 -13.19 -17.60 11.51
N GLN A 110 -13.45 -18.63 10.70
CA GLN A 110 -13.51 -20.01 11.19
C GLN A 110 -12.25 -20.84 10.95
N HIS A 111 -11.81 -21.51 11.99
CA HIS A 111 -10.74 -22.45 11.81
C HIS A 111 -11.24 -23.71 11.19
N PHE A 112 -10.35 -24.41 10.53
CA PHE A 112 -10.56 -25.80 10.13
C PHE A 112 -9.90 -26.67 11.16
N ALA A 113 -10.07 -27.98 11.09
CA ALA A 113 -9.51 -28.85 12.10
C ALA A 113 -8.02 -28.83 12.14
N ALA A 114 -7.41 -28.79 10.95
CA ALA A 114 -5.96 -28.87 10.84
C ALA A 114 -5.57 -28.29 9.51
N GLU A 115 -4.25 -28.22 9.32
CA GLU A 115 -3.78 -27.65 8.07
C GLU A 115 -2.42 -28.30 7.71
N LEU A 116 -2.24 -28.67 6.43
CA LEU A 116 -1.02 -29.25 5.92
C LEU A 116 -0.33 -28.16 5.14
N HIS A 117 0.96 -28.05 5.30
CA HIS A 117 1.81 -27.14 4.57
C HIS A 117 2.94 -27.87 3.86
N ILE A 118 3.04 -27.62 2.55
CA ILE A 118 4.12 -28.24 1.71
C ILE A 118 5.04 -27.07 1.37
N VAL A 119 6.19 -27.08 2.00
CA VAL A 119 7.16 -25.95 1.88
C VAL A 119 8.04 -26.14 0.64
N HIS A 120 8.16 -25.11 -0.15
CA HIS A 120 9.11 -25.13 -1.31
C HIS A 120 10.00 -23.91 -1.28
N TYR A 121 11.18 -24.01 -1.97
CA TYR A 121 12.09 -22.85 -2.01
C TYR A 121 12.45 -22.57 -3.43
N ASN A 122 12.85 -21.32 -3.70
CA ASN A 122 13.18 -20.87 -5.07
C ASN A 122 14.56 -21.43 -5.44
N SER A 123 14.50 -22.57 -6.15
CA SER A 123 15.72 -23.21 -6.52
C SER A 123 16.35 -22.57 -7.73
N ASP A 124 15.63 -21.76 -8.49
CA ASP A 124 16.29 -20.96 -9.59
C ASP A 124 17.21 -19.89 -9.07
N LEU A 125 16.93 -19.36 -7.89
CA LEU A 125 17.69 -18.22 -7.36
C LEU A 125 18.62 -18.69 -6.26
N TYR A 126 18.26 -19.75 -5.49
CA TYR A 126 19.00 -20.17 -4.30
C TYR A 126 19.35 -21.64 -4.22
N PRO A 127 20.45 -21.99 -3.52
CA PRO A 127 20.94 -23.36 -3.57
C PRO A 127 20.23 -24.34 -2.69
N ASP A 128 19.55 -23.85 -1.63
CA ASP A 128 18.88 -24.76 -0.72
C ASP A 128 17.83 -23.94 0.06
N ALA A 129 16.96 -24.64 0.75
CA ALA A 129 15.87 -24.00 1.44
C ALA A 129 16.31 -23.10 2.55
N SER A 130 17.27 -23.51 3.36
N SER A 130 17.30 -23.58 3.31
CA SER A 130 17.74 -22.63 4.45
CA SER A 130 17.76 -22.82 4.47
C SER A 130 18.22 -21.30 3.87
C SER A 130 18.40 -21.48 4.07
N THR A 131 19.11 -21.41 2.91
CA THR A 131 19.63 -20.17 2.33
C THR A 131 18.50 -19.28 1.78
N ALA A 132 17.50 -19.88 1.11
CA ALA A 132 16.38 -19.09 0.58
C ALA A 132 15.46 -18.47 1.65
N SER A 133 15.44 -19.06 2.80
CA SER A 133 14.37 -18.77 3.78
C SER A 133 14.35 -17.30 4.26
N ASN A 134 15.48 -16.57 4.22
N ASN A 134 15.51 -16.69 4.25
CA ASN A 134 15.50 -15.06 4.47
CA ASN A 134 15.61 -15.30 4.58
C ASN A 134 15.64 -14.14 3.27
C ASN A 134 15.94 -14.37 3.37
N LYS A 135 15.49 -14.69 2.13
CA LYS A 135 15.70 -13.93 0.93
C LYS A 135 14.50 -13.61 0.16
N SER A 136 14.63 -12.62 -0.68
CA SER A 136 13.58 -12.15 -1.46
C SER A 136 13.07 -13.30 -2.31
N GLU A 137 11.76 -13.42 -2.41
CA GLU A 137 11.16 -14.47 -3.25
C GLU A 137 11.61 -15.90 -2.81
N GLY A 138 12.00 -16.11 -1.57
CA GLY A 138 12.69 -17.28 -1.14
C GLY A 138 11.84 -18.55 -1.14
N LEU A 139 10.63 -18.42 -0.59
CA LEU A 139 9.84 -19.61 -0.29
C LEU A 139 8.40 -19.52 -0.88
N ALA A 140 7.82 -20.72 -1.09
CA ALA A 140 6.45 -20.83 -1.51
C ALA A 140 5.85 -21.97 -0.70
N VAL A 141 4.68 -21.77 -0.04
CA VAL A 141 4.11 -22.81 0.75
C VAL A 141 2.71 -23.06 0.21
N LEU A 142 2.37 -24.32 0.03
CA LEU A 142 1.03 -24.75 -0.34
C LEU A 142 0.33 -25.14 0.93
N ALA A 143 -0.87 -24.65 1.11
CA ALA A 143 -1.64 -24.96 2.36
C ALA A 143 -2.95 -25.62 1.99
N VAL A 144 -3.12 -26.78 2.67
CA VAL A 144 -4.35 -27.54 2.56
C VAL A 144 -5.11 -27.49 3.87
N LEU A 145 -6.34 -27.02 3.80
CA LEU A 145 -7.19 -27.00 5.01
C LEU A 145 -7.80 -28.42 5.19
N ILE A 146 -7.89 -28.86 6.44
CA ILE A 146 -8.37 -30.22 6.72
C ILE A 146 -9.55 -30.19 7.63
N GLU A 147 -10.62 -30.92 7.27
CA GLU A 147 -11.81 -31.02 8.15
C GLU A 147 -12.06 -32.50 8.42
N MET A 148 -12.74 -32.77 9.54
CA MET A 148 -13.22 -34.13 9.75
C MET A 148 -14.30 -34.60 8.72
N GLY A 149 -14.19 -35.83 8.30
CA GLY A 149 -15.17 -36.42 7.39
C GLY A 149 -14.79 -37.89 7.22
N SER A 150 -14.74 -38.26 5.94
N SER A 150 -14.78 -38.31 5.96
CA SER A 150 -14.31 -39.58 5.54
CA SER A 150 -14.48 -39.68 5.67
C SER A 150 -12.89 -39.93 5.94
C SER A 150 -12.98 -39.96 5.80
N PHE A 151 -12.62 -41.20 6.13
CA PHE A 151 -11.27 -41.69 6.21
C PHE A 151 -10.53 -41.37 4.91
N ASN A 152 -9.29 -40.95 5.09
CA ASN A 152 -8.48 -40.61 3.98
C ASN A 152 -7.25 -41.49 3.88
N PRO A 153 -7.29 -42.51 3.00
CA PRO A 153 -6.15 -43.40 2.85
C PRO A 153 -4.79 -42.73 2.55
N SER A 154 -4.84 -41.60 1.83
CA SER A 154 -3.57 -40.95 1.47
C SER A 154 -2.92 -40.28 2.65
N TYR A 155 -3.75 -39.63 3.47
CA TYR A 155 -3.13 -39.03 4.69
C TYR A 155 -2.66 -40.12 5.66
N ASP A 156 -3.33 -41.29 5.58
CA ASP A 156 -2.89 -42.33 6.44
C ASP A 156 -1.50 -42.86 6.05
N LYS A 157 -1.01 -42.59 4.83
CA LYS A 157 0.38 -42.90 4.46
C LYS A 157 1.43 -42.20 5.35
N ILE A 158 1.05 -41.04 5.90
CA ILE A 158 1.86 -40.34 6.84
C ILE A 158 1.40 -40.72 8.24
N PHE A 159 0.10 -40.64 8.51
CA PHE A 159 -0.33 -40.90 9.88
C PHE A 159 0.00 -42.26 10.47
N SER A 160 0.07 -43.31 9.62
CA SER A 160 0.47 -44.67 10.15
C SER A 160 1.87 -44.72 10.74
N HIS A 161 2.72 -43.73 10.47
CA HIS A 161 4.06 -43.69 10.97
C HIS A 161 4.20 -42.81 12.19
N LEU A 162 3.10 -42.17 12.65
CA LEU A 162 3.28 -41.18 13.73
C LEU A 162 3.73 -41.86 15.04
N GLN A 163 3.31 -43.10 15.28
CA GLN A 163 3.79 -43.72 16.51
C GLN A 163 5.26 -43.91 16.58
N HIS A 164 5.97 -43.90 15.44
CA HIS A 164 7.43 -44.02 15.49
C HIS A 164 8.15 -42.74 15.65
N VAL A 165 7.39 -41.62 15.64
CA VAL A 165 8.04 -40.29 15.88
C VAL A 165 7.31 -39.58 17.00
N LYS A 166 6.86 -40.35 17.99
CA LYS A 166 6.19 -39.80 19.17
C LYS A 166 6.95 -38.67 19.86
N TYR A 167 8.27 -38.82 20.03
CA TYR A 167 9.05 -37.88 20.87
C TYR A 167 10.04 -37.06 20.06
N LYS A 168 10.46 -35.95 20.60
CA LYS A 168 11.37 -35.06 19.95
C LYS A 168 12.66 -35.77 19.62
N GLY A 169 13.20 -35.62 18.41
CA GLY A 169 14.45 -36.27 18.07
C GLY A 169 14.22 -37.62 17.38
N GLN A 170 12.99 -38.13 17.36
CA GLN A 170 12.78 -39.42 16.77
C GLN A 170 12.52 -39.29 15.25
N GLU A 171 12.81 -40.35 14.47
N GLU A 171 12.76 -40.38 14.51
CA GLU A 171 12.66 -40.31 13.02
CA GLU A 171 12.60 -40.41 13.09
C GLU A 171 12.23 -41.68 12.52
C GLU A 171 12.01 -41.74 12.60
N ALA A 172 11.50 -41.69 11.40
CA ALA A 172 11.01 -42.88 10.76
C ALA A 172 11.19 -42.66 9.28
N PHE A 173 11.16 -43.74 8.56
CA PHE A 173 11.27 -43.72 7.14
C PHE A 173 9.91 -44.04 6.56
N VAL A 174 9.48 -43.18 5.64
CA VAL A 174 8.26 -43.28 4.92
C VAL A 174 8.50 -43.64 3.43
N PRO A 175 7.88 -44.76 2.91
CA PRO A 175 8.03 -45.10 1.48
C PRO A 175 7.34 -44.07 0.63
N GLY A 176 7.97 -43.78 -0.49
CA GLY A 176 7.45 -42.74 -1.37
C GLY A 176 6.07 -43.07 -1.77
N PHE A 177 5.20 -42.06 -1.82
CA PHE A 177 3.89 -42.11 -2.40
C PHE A 177 3.54 -40.81 -3.13
N ASN A 178 2.37 -40.77 -3.77
CA ASN A 178 2.06 -39.56 -4.60
C ASN A 178 1.53 -38.45 -3.67
N ILE A 179 2.37 -37.46 -3.44
CA ILE A 179 2.03 -36.40 -2.53
C ILE A 179 0.85 -35.61 -3.11
N GLU A 180 0.58 -35.62 -4.42
CA GLU A 180 -0.54 -34.86 -4.92
C GLU A 180 -1.89 -35.41 -4.34
N GLU A 181 -1.87 -36.68 -3.87
CA GLU A 181 -3.07 -37.26 -3.22
C GLU A 181 -3.48 -36.55 -1.93
N LEU A 182 -2.54 -35.77 -1.37
CA LEU A 182 -2.86 -34.96 -0.19
C LEU A 182 -3.56 -33.67 -0.52
N LEU A 183 -3.62 -33.28 -1.81
CA LEU A 183 -4.20 -32.02 -2.19
C LEU A 183 -5.72 -32.19 -2.39
N PRO A 184 -6.50 -31.15 -2.27
CA PRO A 184 -7.91 -31.20 -2.37
C PRO A 184 -8.37 -31.21 -3.82
N GLU A 185 -9.69 -31.32 -3.93
CA GLU A 185 -10.38 -31.17 -5.22
C GLU A 185 -10.17 -29.78 -5.75
N ARG A 186 -10.06 -29.67 -7.10
CA ARG A 186 -10.09 -28.37 -7.76
C ARG A 186 -8.95 -27.46 -7.18
N THR A 187 -7.77 -28.03 -7.30
CA THR A 187 -6.61 -27.25 -6.95
C THR A 187 -6.45 -25.99 -7.79
N ALA A 188 -7.13 -25.86 -8.93
CA ALA A 188 -7.19 -24.57 -9.63
C ALA A 188 -7.75 -23.40 -8.80
N GLU A 189 -8.51 -23.74 -7.73
CA GLU A 189 -9.20 -22.72 -6.92
C GLU A 189 -8.35 -22.50 -5.65
N TYR A 190 -7.78 -21.30 -5.54
CA TYR A 190 -6.93 -20.98 -4.39
C TYR A 190 -6.88 -19.53 -4.05
N TYR A 191 -6.45 -19.24 -2.84
CA TYR A 191 -6.14 -17.93 -2.31
C TYR A 191 -4.61 -17.75 -2.40
N ARG A 192 -4.17 -16.53 -2.71
CA ARG A 192 -2.72 -16.30 -2.85
C ARG A 192 -2.40 -14.96 -2.19
N TYR A 193 -1.33 -14.93 -1.41
CA TYR A 193 -0.93 -13.62 -0.87
C TYR A 193 0.52 -13.75 -0.47
N ARG A 194 1.13 -12.62 -0.28
CA ARG A 194 2.51 -12.62 0.20
C ARG A 194 2.57 -12.51 1.67
N GLY A 195 3.27 -13.44 2.32
CA GLY A 195 3.32 -13.45 3.75
C GLY A 195 4.59 -13.97 4.36
N SER A 196 4.51 -14.69 5.47
CA SER A 196 5.70 -15.04 6.20
C SER A 196 5.64 -16.49 6.64
N LEU A 197 6.75 -16.99 7.10
CA LEU A 197 6.75 -18.19 7.90
C LEU A 197 5.79 -18.02 9.08
N THR A 198 5.11 -19.08 9.53
CA THR A 198 4.25 -18.98 10.70
C THR A 198 4.90 -19.42 11.98
N THR A 199 6.21 -19.80 11.90
CA THR A 199 7.02 -20.11 13.03
C THR A 199 8.28 -19.26 12.94
N PRO A 200 8.95 -19.13 14.09
CA PRO A 200 10.26 -18.51 14.02
C PRO A 200 11.13 -19.17 12.92
N PRO A 201 11.90 -18.34 12.26
CA PRO A 201 12.12 -16.88 12.50
C PRO A 201 11.13 -15.93 11.88
N CYS A 202 10.02 -16.44 11.32
CA CYS A 202 8.86 -15.62 10.80
C CYS A 202 9.27 -14.74 9.64
N ASN A 203 10.27 -15.16 8.87
CA ASN A 203 10.71 -14.33 7.77
C ASN A 203 9.64 -14.03 6.79
N PRO A 204 9.50 -12.81 6.31
CA PRO A 204 8.39 -12.42 5.38
C PRO A 204 8.73 -12.71 3.94
N THR A 205 9.00 -14.00 3.72
CA THR A 205 9.57 -14.42 2.42
C THR A 205 8.76 -15.54 1.79
N VAL A 206 7.46 -15.67 2.18
CA VAL A 206 6.63 -16.78 1.67
C VAL A 206 5.56 -16.29 0.77
N LEU A 207 5.47 -16.87 -0.44
CA LEU A 207 4.33 -16.76 -1.31
C LEU A 207 3.36 -17.88 -0.91
N TRP A 208 2.23 -17.49 -0.31
CA TRP A 208 1.23 -18.48 0.17
C TRP A 208 0.25 -18.80 -0.87
N THR A 209 -0.08 -20.10 -1.03
CA THR A 209 -1.18 -20.57 -1.89
C THR A 209 -2.04 -21.42 -0.94
N VAL A 210 -3.25 -20.95 -0.61
CA VAL A 210 -4.09 -21.77 0.28
C VAL A 210 -5.23 -22.28 -0.59
N PHE A 211 -5.37 -23.58 -0.77
CA PHE A 211 -6.45 -24.11 -1.63
C PHE A 211 -7.78 -23.76 -1.07
N ARG A 212 -8.71 -23.45 -2.00
CA ARG A 212 -10.06 -23.07 -1.55
C ARG A 212 -10.80 -24.23 -0.85
N ASN A 213 -10.63 -25.45 -1.34
CA ASN A 213 -11.46 -26.59 -0.84
C ASN A 213 -10.64 -27.37 0.18
N PRO A 214 -11.25 -27.76 1.30
CA PRO A 214 -10.59 -28.62 2.26
C PRO A 214 -10.55 -30.08 1.82
N VAL A 215 -9.68 -30.82 2.49
CA VAL A 215 -9.75 -32.29 2.41
C VAL A 215 -10.43 -32.77 3.68
N GLN A 216 -10.87 -34.02 3.66
CA GLN A 216 -11.39 -34.70 4.87
C GLN A 216 -10.58 -35.80 5.33
N ILE A 217 -10.46 -35.93 6.67
CA ILE A 217 -9.85 -37.11 7.31
C ILE A 217 -10.84 -37.60 8.37
N SER A 218 -10.70 -38.84 8.82
CA SER A 218 -11.79 -39.27 9.72
C SER A 218 -11.56 -38.74 11.14
N GLN A 219 -12.60 -38.90 11.97
N GLN A 219 -12.66 -38.90 11.92
CA GLN A 219 -12.42 -38.55 13.38
CA GLN A 219 -12.62 -38.69 13.37
C GLN A 219 -11.28 -39.31 14.06
C GLN A 219 -11.40 -39.30 14.01
N GLU A 220 -11.09 -40.57 13.70
CA GLU A 220 -10.05 -41.30 14.28
C GLU A 220 -8.66 -40.80 13.82
N GLN A 221 -8.58 -40.41 12.51
CA GLN A 221 -7.30 -39.93 12.02
C GLN A 221 -6.99 -38.58 12.68
N LEU A 222 -8.00 -37.75 12.82
CA LEU A 222 -7.76 -36.44 13.46
C LEU A 222 -7.33 -36.59 14.90
N LEU A 223 -8.02 -37.50 15.63
CA LEU A 223 -7.63 -37.77 17.03
C LEU A 223 -6.27 -38.34 17.14
N ALA A 224 -5.85 -39.20 16.19
CA ALA A 224 -4.53 -39.74 16.21
C ALA A 224 -3.49 -38.64 16.04
N LEU A 225 -3.73 -37.75 15.08
CA LEU A 225 -2.77 -36.65 14.87
C LEU A 225 -2.69 -35.76 16.16
N GLU A 226 -3.85 -35.52 16.80
CA GLU A 226 -3.85 -34.69 18.01
C GLU A 226 -3.26 -35.32 19.22
N THR A 227 -3.11 -36.64 19.25
CA THR A 227 -2.74 -37.34 20.49
C THR A 227 -1.47 -38.12 20.31
N ALA A 228 -0.93 -38.29 19.10
CA ALA A 228 0.20 -39.15 18.95
C ALA A 228 1.55 -38.61 19.38
N LEU A 229 1.72 -37.27 19.44
CA LEU A 229 3.03 -36.70 19.45
C LEU A 229 3.24 -35.86 20.65
N TYR A 230 4.48 -35.82 21.04
CA TYR A 230 5.00 -34.93 22.15
C TYR A 230 6.07 -34.00 21.63
N CYS A 231 6.20 -32.85 22.33
N CYS A 231 6.20 -32.84 22.29
CA CYS A 231 7.20 -31.87 22.06
CA CYS A 231 7.25 -31.92 21.93
C CYS A 231 8.54 -32.25 22.62
C CYS A 231 8.51 -32.12 22.75
N THR A 232 8.45 -33.09 23.64
CA THR A 232 9.58 -33.35 24.55
C THR A 232 10.32 -34.64 24.16
N HIS A 233 11.57 -34.73 24.62
CA HIS A 233 12.33 -35.97 24.48
C HIS A 233 11.72 -37.09 25.30
N MET A 234 11.95 -38.30 24.82
CA MET A 234 11.42 -39.49 25.49
C MET A 234 11.71 -39.56 26.99
N ASP A 235 12.92 -39.16 27.40
CA ASP A 235 13.34 -39.31 28.81
C ASP A 235 13.04 -38.08 29.64
N ASP A 236 12.28 -37.14 29.08
CA ASP A 236 11.94 -35.92 29.80
C ASP A 236 10.98 -36.23 30.93
N PRO A 237 11.37 -35.91 32.19
CA PRO A 237 10.44 -36.18 33.31
C PRO A 237 9.14 -35.33 33.33
N SER A 238 9.04 -34.30 32.46
CA SER A 238 7.84 -33.45 32.35
C SER A 238 7.38 -33.43 30.87
N PRO A 239 6.79 -34.53 30.42
CA PRO A 239 6.36 -34.58 28.99
C PRO A 239 5.31 -33.49 28.66
N ARG A 240 5.42 -32.95 27.45
CA ARG A 240 4.34 -32.13 26.95
C ARG A 240 3.80 -32.61 25.60
N GLU A 241 2.50 -32.72 25.55
CA GLU A 241 1.84 -33.11 24.33
C GLU A 241 2.04 -32.04 23.23
N MET A 242 2.20 -32.51 21.98
CA MET A 242 2.23 -31.60 20.85
C MET A 242 0.82 -31.43 20.38
N ILE A 243 0.26 -30.28 20.85
CA ILE A 243 -1.10 -29.88 20.57
C ILE A 243 -1.10 -28.35 20.33
N ASN A 244 -2.15 -27.87 19.68
CA ASN A 244 -2.39 -26.42 19.49
C ASN A 244 -1.15 -25.78 18.88
N ASN A 245 -0.55 -26.46 17.88
CA ASN A 245 0.76 -25.98 17.30
C ASN A 245 0.47 -25.13 16.11
N PHE A 246 -0.30 -24.10 16.28
CA PHE A 246 -0.67 -23.13 15.22
C PHE A 246 -0.46 -21.74 15.79
N ARG A 247 -0.12 -20.80 14.94
CA ARG A 247 -0.05 -19.37 15.33
C ARG A 247 -1.44 -18.73 15.21
N GLN A 248 -1.73 -17.80 16.13
CA GLN A 248 -2.94 -16.98 15.96
C GLN A 248 -2.89 -16.14 14.70
N VAL A 249 -4.03 -15.82 14.10
CA VAL A 249 -4.05 -14.94 12.93
C VAL A 249 -3.49 -13.56 13.23
N GLN A 250 -2.87 -13.00 12.24
CA GLN A 250 -2.23 -11.67 12.34
C GLN A 250 -3.12 -10.61 11.75
N LYS A 251 -2.90 -9.38 12.22
CA LYS A 251 -3.58 -8.26 11.53
C LYS A 251 -3.16 -8.20 10.07
N PHE A 252 -4.08 -7.84 9.17
CA PHE A 252 -3.77 -7.80 7.74
C PHE A 252 -4.66 -6.66 7.24
N ASP A 253 -4.12 -5.47 7.15
CA ASP A 253 -4.95 -4.23 6.90
C ASP A 253 -4.45 -3.61 5.63
N GLU A 254 -5.39 -3.08 4.87
CA GLU A 254 -5.09 -2.37 3.59
C GLU A 254 -4.33 -3.25 2.64
N ARG A 255 -4.71 -4.51 2.62
CA ARG A 255 -4.11 -5.50 1.73
C ARG A 255 -5.17 -6.43 1.19
N LEU A 256 -4.85 -7.08 0.08
CA LEU A 256 -5.79 -7.98 -0.45
C LEU A 256 -5.19 -9.40 -0.47
N VAL A 257 -6.11 -10.31 -0.56
CA VAL A 257 -5.75 -11.65 -0.85
C VAL A 257 -6.35 -11.94 -2.23
N TYR A 258 -5.54 -12.42 -3.15
CA TYR A 258 -5.97 -12.63 -4.50
C TYR A 258 -6.55 -13.98 -4.59
N THR A 259 -7.56 -14.15 -5.42
CA THR A 259 -8.20 -15.47 -5.55
C THR A 259 -8.18 -15.89 -7.00
N SER A 260 -8.03 -17.14 -7.24
CA SER A 260 -8.05 -17.64 -8.63
C SER A 260 -9.47 -17.91 -9.07
N PHE A 261 -10.43 -17.67 -8.21
CA PHE A 261 -11.82 -18.00 -8.50
C PHE A 261 -12.61 -16.74 -8.21
N SER A 262 -13.71 -16.58 -8.94
CA SER A 262 -14.67 -15.46 -8.67
C SER A 262 -15.87 -15.90 -7.81
N LYS B 3 5.50 4.02 24.39
CA LYS B 3 5.66 4.04 22.90
C LYS B 3 5.10 2.79 22.17
N TRP B 4 4.48 1.87 22.93
CA TRP B 4 3.84 0.73 22.32
C TRP B 4 2.66 1.28 21.51
N THR B 5 2.32 0.50 20.50
CA THR B 5 1.27 0.90 19.55
C THR B 5 0.46 -0.32 19.19
N TYR B 6 -0.51 -0.15 18.30
CA TYR B 6 -1.19 -1.30 17.71
C TYR B 6 -0.82 -1.64 16.27
N PHE B 7 0.20 -0.99 15.76
CA PHE B 7 0.57 -1.14 14.39
C PHE B 7 2.06 -0.88 14.26
N GLY B 8 2.74 -1.77 13.54
CA GLY B 8 4.10 -1.39 13.15
C GLY B 8 5.05 -2.07 14.10
N PRO B 9 6.29 -1.60 14.14
CA PRO B 9 7.32 -2.27 14.87
C PRO B 9 7.13 -2.36 16.37
N ASP B 10 6.33 -1.45 16.95
CA ASP B 10 6.00 -1.44 18.34
C ASP B 10 4.58 -1.97 18.67
N GLY B 11 4.05 -2.67 17.67
CA GLY B 11 2.69 -3.28 17.81
C GLY B 11 2.71 -4.54 18.64
N GLU B 12 1.56 -5.25 18.65
CA GLU B 12 1.26 -6.18 19.73
C GLU B 12 2.20 -7.40 19.86
N ASN B 13 2.78 -7.82 18.70
CA ASN B 13 3.69 -8.95 18.78
C ASN B 13 5.04 -8.58 19.46
N SER B 14 5.20 -7.27 19.65
CA SER B 14 6.42 -6.73 20.35
C SER B 14 6.16 -6.27 21.71
N TRP B 15 4.93 -6.21 22.22
CA TRP B 15 4.69 -5.70 23.57
C TRP B 15 5.46 -6.46 24.64
N SER B 16 5.61 -7.77 24.50
CA SER B 16 6.23 -8.58 25.51
C SER B 16 7.74 -8.30 25.69
N LYS B 17 8.31 -7.57 24.74
CA LYS B 17 9.73 -7.16 24.93
C LYS B 17 9.83 -6.24 26.05
N LYS B 18 8.94 -5.33 26.28
CA LYS B 18 9.00 -4.37 27.39
C LYS B 18 8.03 -4.73 28.53
N TYR B 19 6.98 -5.51 28.26
CA TYR B 19 5.96 -5.77 29.26
C TYR B 19 5.80 -7.27 29.37
N PRO B 20 6.56 -7.93 30.21
CA PRO B 20 6.61 -9.36 30.17
C PRO B 20 5.25 -10.03 30.36
N SER B 21 4.31 -9.42 31.07
CA SER B 21 3.02 -10.17 31.28
C SER B 21 2.31 -10.28 29.96
N CYS B 22 2.61 -9.48 28.93
CA CYS B 22 1.95 -9.65 27.63
C CYS B 22 2.26 -10.94 26.98
N GLY B 23 3.37 -11.59 27.38
CA GLY B 23 3.72 -12.97 26.92
C GLY B 23 3.43 -14.00 27.94
N GLY B 24 2.72 -13.63 28.97
CA GLY B 24 2.41 -14.55 30.06
C GLY B 24 1.09 -15.23 29.92
N LEU B 25 0.70 -15.69 31.09
CA LEU B 25 -0.56 -16.44 31.18
C LEU B 25 -1.79 -15.55 31.20
N LEU B 26 -2.98 -16.19 31.01
CA LEU B 26 -4.29 -15.62 31.25
C LEU B 26 -4.57 -14.41 30.35
N GLN B 27 -4.06 -14.42 29.12
CA GLN B 27 -4.23 -13.18 28.29
C GLN B 27 -5.56 -13.07 27.64
N SER B 28 -5.99 -11.83 27.52
CA SER B 28 -7.24 -11.42 26.82
C SER B 28 -6.86 -10.54 25.67
N PRO B 29 -7.78 -10.35 24.70
CA PRO B 29 -9.15 -10.97 24.60
C PRO B 29 -9.03 -12.35 23.99
N ILE B 30 -10.22 -12.95 23.90
CA ILE B 30 -10.36 -14.32 23.38
C ILE B 30 -11.58 -14.39 22.48
N ASP B 31 -11.59 -15.48 21.70
CA ASP B 31 -12.71 -15.82 20.88
C ASP B 31 -13.67 -16.71 21.71
N LEU B 32 -14.90 -16.23 21.77
CA LEU B 32 -15.90 -16.92 22.56
C LEU B 32 -16.61 -17.92 21.64
N HIS B 33 -16.35 -19.20 21.79
CA HIS B 33 -16.95 -20.20 20.91
C HIS B 33 -17.23 -21.41 21.70
N SER B 34 -18.08 -22.26 21.06
CA SER B 34 -18.79 -23.28 21.86
C SER B 34 -17.89 -24.22 22.55
N ASP B 35 -16.79 -24.63 21.93
CA ASP B 35 -15.91 -25.65 22.54
C ASP B 35 -15.36 -25.32 23.87
N ILE B 36 -15.34 -24.03 24.19
CA ILE B 36 -14.75 -23.63 25.45
C ILE B 36 -15.73 -23.01 26.43
N LEU B 37 -17.01 -23.10 26.08
CA LEU B 37 -18.05 -22.54 26.98
C LEU B 37 -18.54 -23.59 27.95
N GLN B 38 -18.97 -23.15 29.11
CA GLN B 38 -19.65 -24.13 30.00
C GLN B 38 -20.61 -23.32 30.81
N TYR B 39 -21.86 -23.76 30.84
CA TYR B 39 -22.88 -23.08 31.64
C TYR B 39 -22.61 -23.21 33.11
N ASP B 40 -22.76 -22.11 33.87
CA ASP B 40 -22.60 -22.14 35.33
C ASP B 40 -23.78 -21.45 35.96
N ALA B 41 -24.71 -22.22 36.59
CA ALA B 41 -25.86 -21.67 37.23
C ALA B 41 -25.62 -20.74 38.40
N SER B 42 -24.40 -20.75 38.93
N SER B 42 -24.40 -20.76 38.91
CA SER B 42 -24.06 -19.82 40.03
CA SER B 42 -24.04 -19.84 40.01
C SER B 42 -23.87 -18.37 39.57
C SER B 42 -23.63 -18.44 39.54
N LEU B 43 -23.79 -18.17 38.25
CA LEU B 43 -23.57 -16.80 37.69
C LEU B 43 -24.87 -16.09 37.64
N THR B 44 -25.16 -15.47 38.77
CA THR B 44 -26.38 -14.74 38.95
C THR B 44 -26.24 -13.30 38.45
N PRO B 45 -27.36 -12.58 38.31
CA PRO B 45 -27.31 -11.25 37.67
C PRO B 45 -26.56 -10.22 38.47
N LEU B 46 -25.76 -9.42 37.77
CA LEU B 46 -25.11 -8.32 38.45
C LEU B 46 -26.12 -7.22 38.67
N GLU B 47 -25.90 -6.45 39.72
CA GLU B 47 -26.66 -5.20 39.95
C GLU B 47 -25.71 -3.99 39.75
N PHE B 48 -26.22 -3.04 39.04
CA PHE B 48 -25.40 -1.85 38.68
C PHE B 48 -25.86 -0.70 39.51
N GLN B 49 -24.99 -0.29 40.45
CA GLN B 49 -25.46 0.72 41.45
C GLN B 49 -24.76 2.05 41.29
N GLY B 50 -25.53 3.13 41.31
CA GLY B 50 -24.92 4.41 41.18
C GLY B 50 -24.45 4.66 39.75
N TYR B 51 -24.96 3.86 38.81
CA TYR B 51 -24.72 4.18 37.36
C TYR B 51 -25.38 5.41 36.80
N ASN B 52 -26.44 5.87 37.51
CA ASN B 52 -27.22 6.97 37.00
C ASN B 52 -26.57 8.26 37.46
N LEU B 53 -25.54 8.67 36.77
CA LEU B 53 -24.73 9.82 37.18
C LEU B 53 -25.56 11.15 36.98
N SER B 54 -25.45 12.04 37.97
CA SER B 54 -26.20 13.28 37.86
C SER B 54 -25.83 14.11 36.59
N ALA B 55 -26.83 14.53 35.84
CA ALA B 55 -26.65 15.40 34.67
C ALA B 55 -26.15 16.77 35.09
N ASN B 56 -26.14 17.09 36.39
CA ASN B 56 -25.63 18.39 36.80
C ASN B 56 -24.18 18.34 37.21
N LYS B 57 -23.64 17.14 37.26
CA LYS B 57 -22.27 16.86 37.47
C LYS B 57 -21.57 16.57 36.12
N GLN B 58 -20.23 16.67 36.14
CA GLN B 58 -19.47 16.47 34.91
C GLN B 58 -18.27 15.61 35.25
N PHE B 59 -17.91 14.81 34.23
CA PHE B 59 -16.87 13.74 34.36
C PHE B 59 -15.85 13.90 33.26
N LEU B 60 -14.62 13.68 33.66
CA LEU B 60 -13.49 14.01 32.76
C LEU B 60 -13.24 12.94 31.72
N LEU B 61 -13.25 13.36 30.51
CA LEU B 61 -12.89 12.56 29.30
C LEU B 61 -11.45 12.89 28.94
N THR B 62 -10.59 11.89 28.79
CA THR B 62 -9.15 12.21 28.55
C THR B 62 -8.60 11.33 27.43
N ASN B 63 -7.83 11.91 26.51
CA ASN B 63 -7.05 11.12 25.53
C ASN B 63 -5.65 11.00 26.08
N ASN B 64 -5.21 9.75 26.47
CA ASN B 64 -3.85 9.54 27.00
C ASN B 64 -2.91 8.98 25.93
N GLY B 65 -3.37 9.01 24.66
CA GLY B 65 -2.44 8.64 23.60
C GLY B 65 -2.62 7.22 23.18
N HIS B 66 -3.16 6.39 24.06
CA HIS B 66 -3.34 5.03 23.62
C HIS B 66 -4.79 4.81 23.63
N SER B 67 -5.54 5.59 24.44
CA SER B 67 -6.93 5.37 24.45
C SER B 67 -7.61 6.70 24.85
N VAL B 68 -8.91 6.75 24.64
CA VAL B 68 -9.74 7.80 25.31
C VAL B 68 -10.68 7.21 26.38
N LYS B 69 -10.49 7.74 27.57
CA LYS B 69 -11.26 7.20 28.72
C LYS B 69 -12.14 8.27 29.34
N LEU B 70 -13.28 7.86 29.90
CA LEU B 70 -14.14 8.71 30.73
C LEU B 70 -13.91 8.26 32.15
N ASN B 71 -13.48 9.14 33.04
CA ASN B 71 -13.34 8.84 34.49
C ASN B 71 -14.74 8.71 35.09
N LEU B 72 -14.84 7.70 35.95
CA LEU B 72 -16.11 7.42 36.61
C LEU B 72 -15.93 7.48 38.13
N PRO B 73 -17.02 7.79 38.87
CA PRO B 73 -16.90 8.02 40.33
C PRO B 73 -16.91 6.71 41.12
N SER B 74 -16.21 6.70 42.24
CA SER B 74 -16.16 5.42 42.99
C SER B 74 -17.51 5.09 43.68
N ASP B 75 -18.47 6.01 43.70
CA ASP B 75 -19.82 5.63 44.16
C ASP B 75 -20.60 4.75 43.19
N MET B 76 -20.09 4.60 41.97
CA MET B 76 -20.66 3.70 40.99
C MET B 76 -20.06 2.30 41.22
N HIS B 77 -20.93 1.31 41.38
N HIS B 77 -20.87 1.26 41.38
CA HIS B 77 -20.50 0.02 41.89
CA HIS B 77 -20.28 -0.03 41.64
C HIS B 77 -21.10 -1.16 41.14
C HIS B 77 -21.10 -1.17 41.21
N ILE B 78 -20.45 -2.30 41.12
CA ILE B 78 -21.24 -3.48 40.77
C ILE B 78 -21.41 -4.33 42.00
N GLN B 79 -22.64 -4.81 42.16
CA GLN B 79 -22.99 -5.71 43.28
C GLN B 79 -23.21 -7.12 42.65
N GLY B 80 -22.64 -8.11 43.28
CA GLY B 80 -22.93 -9.48 42.78
C GLY B 80 -21.68 -10.27 42.75
N LEU B 81 -20.53 -9.59 42.64
CA LEU B 81 -19.24 -10.32 42.71
C LEU B 81 -18.84 -10.65 44.14
N GLN B 82 -17.64 -11.16 44.34
CA GLN B 82 -17.33 -11.57 45.69
C GLN B 82 -16.72 -10.48 46.51
N SER B 83 -16.52 -9.33 45.88
CA SER B 83 -16.37 -8.08 46.63
C SER B 83 -17.13 -7.03 45.91
N ARG B 84 -17.31 -5.88 46.53
CA ARG B 84 -17.79 -4.71 45.84
C ARG B 84 -16.66 -4.24 44.85
N TYR B 85 -17.08 -3.99 43.58
CA TYR B 85 -16.13 -3.41 42.64
C TYR B 85 -16.63 -2.10 42.26
N SER B 86 -15.78 -1.08 42.39
CA SER B 86 -16.22 0.29 42.11
C SER B 86 -15.62 0.71 40.72
N ALA B 87 -16.43 1.46 40.07
CA ALA B 87 -16.06 1.99 38.69
C ALA B 87 -14.82 2.87 38.79
N THR B 88 -13.98 2.82 37.78
CA THR B 88 -12.87 3.77 37.63
C THR B 88 -12.91 4.53 36.34
N GLN B 89 -13.22 3.84 35.22
CA GLN B 89 -13.22 4.52 33.93
C GLN B 89 -13.90 3.62 32.90
N LEU B 90 -14.38 4.19 31.83
CA LEU B 90 -14.71 3.37 30.66
C LEU B 90 -13.98 3.89 29.45
N HIS B 91 -13.88 3.03 28.41
CA HIS B 91 -13.19 3.37 27.15
C HIS B 91 -13.67 2.43 26.10
N LEU B 92 -13.24 2.68 24.90
CA LEU B 92 -13.66 1.86 23.73
C LEU B 92 -12.46 1.37 22.95
N HIS B 93 -12.79 0.40 22.11
CA HIS B 93 -11.86 -0.12 21.05
C HIS B 93 -12.58 -0.18 19.78
N TRP B 94 -11.91 0.10 18.67
CA TRP B 94 -12.59 0.20 17.34
C TRP B 94 -11.61 -0.07 16.25
N GLY B 95 -12.19 -0.15 15.03
CA GLY B 95 -11.41 -0.43 13.81
C GLY B 95 -11.06 0.82 13.07
N ASN B 96 -11.47 0.91 11.79
CA ASN B 96 -11.17 2.14 11.02
C ASN B 96 -12.25 2.33 9.98
N PRO B 97 -12.24 3.47 9.27
CA PRO B 97 -13.38 3.74 8.39
C PRO B 97 -13.56 2.77 7.25
N ASN B 98 -12.47 2.15 6.84
CA ASN B 98 -12.56 1.22 5.70
C ASN B 98 -12.76 -0.20 6.19
N ASP B 99 -12.76 -0.38 7.50
CA ASP B 99 -12.92 -1.73 8.10
C ASP B 99 -13.43 -1.57 9.51
N PRO B 100 -14.74 -1.34 9.67
CA PRO B 100 -15.35 -1.04 11.00
C PRO B 100 -15.56 -2.36 11.74
N HIS B 101 -14.48 -3.05 12.09
CA HIS B 101 -14.56 -4.38 12.77
C HIS B 101 -13.52 -4.52 13.82
N GLY B 102 -13.67 -3.74 14.86
CA GLY B 102 -12.56 -3.48 15.81
C GLY B 102 -12.90 -3.93 17.25
N SER B 103 -13.85 -4.82 17.50
CA SER B 103 -13.97 -5.35 18.83
C SER B 103 -12.76 -6.16 19.23
N GLU B 104 -12.55 -6.37 20.51
CA GLU B 104 -11.46 -7.17 21.02
C GLU B 104 -11.92 -8.62 21.15
N HIS B 105 -12.96 -8.87 21.95
CA HIS B 105 -13.49 -10.25 21.89
C HIS B 105 -14.23 -10.43 20.61
N THR B 106 -14.16 -11.70 20.21
CA THR B 106 -14.92 -12.18 19.06
C THR B 106 -15.88 -13.28 19.51
N VAL B 107 -16.92 -13.51 18.71
CA VAL B 107 -17.88 -14.55 19.09
C VAL B 107 -18.03 -15.46 17.88
N SER B 108 -17.67 -16.71 18.13
CA SER B 108 -17.66 -17.72 17.05
C SER B 108 -16.89 -17.15 15.85
N GLY B 109 -15.73 -16.55 16.09
CA GLY B 109 -14.86 -16.07 15.07
C GLY B 109 -15.23 -14.72 14.43
N GLN B 110 -16.32 -14.09 14.86
CA GLN B 110 -16.70 -12.83 14.22
C GLN B 110 -16.37 -11.67 15.12
N HIS B 111 -15.77 -10.66 14.52
CA HIS B 111 -15.61 -9.34 15.15
C HIS B 111 -16.83 -8.56 15.12
N PHE B 112 -17.06 -7.79 16.16
CA PHE B 112 -18.04 -6.80 16.15
C PHE B 112 -17.40 -5.47 15.78
N ALA B 113 -18.22 -4.45 15.54
CA ALA B 113 -17.74 -3.21 15.05
C ALA B 113 -16.80 -2.57 16.07
N ALA B 114 -17.15 -2.63 17.37
CA ALA B 114 -16.39 -1.92 18.44
C ALA B 114 -16.76 -2.60 19.71
N GLU B 115 -16.08 -2.16 20.79
CA GLU B 115 -16.31 -2.73 22.11
C GLU B 115 -16.14 -1.66 23.17
N LEU B 116 -17.03 -1.63 24.15
CA LEU B 116 -16.98 -0.73 25.31
C LEU B 116 -16.52 -1.54 26.48
N HIS B 117 -15.55 -1.02 27.23
CA HIS B 117 -15.08 -1.63 28.47
C HIS B 117 -15.33 -0.71 29.64
N ILE B 118 -16.06 -1.17 30.66
CA ILE B 118 -16.20 -0.36 31.87
C ILE B 118 -15.42 -0.99 32.98
N VAL B 119 -14.31 -0.34 33.39
CA VAL B 119 -13.30 -0.91 34.26
C VAL B 119 -13.69 -0.63 35.72
N HIS B 120 -13.65 -1.67 36.52
CA HIS B 120 -13.92 -1.51 37.96
C HIS B 120 -12.77 -2.12 38.70
N TYR B 121 -12.61 -1.70 39.98
CA TYR B 121 -11.58 -2.27 40.80
C TYR B 121 -12.16 -2.66 42.16
N ASN B 122 -11.49 -3.61 42.80
CA ASN B 122 -12.01 -4.10 44.06
C ASN B 122 -11.72 -3.02 45.17
N SER B 123 -12.75 -2.25 45.44
CA SER B 123 -12.58 -1.13 46.39
C SER B 123 -12.73 -1.61 47.86
N ASP B 124 -13.25 -2.80 48.06
CA ASP B 124 -13.21 -3.42 49.42
C ASP B 124 -11.78 -3.67 49.85
N LEU B 125 -10.91 -4.07 48.93
CA LEU B 125 -9.51 -4.47 49.21
C LEU B 125 -8.49 -3.41 48.93
N TYR B 126 -8.76 -2.53 47.94
CA TYR B 126 -7.71 -1.61 47.47
C TYR B 126 -8.19 -0.20 47.44
N PRO B 127 -7.24 0.72 47.67
CA PRO B 127 -7.60 2.12 47.78
C PRO B 127 -7.72 2.82 46.44
N ASP B 128 -7.28 2.16 45.35
CA ASP B 128 -7.37 2.78 44.04
C ASP B 128 -7.18 1.70 42.99
N ALA B 129 -7.71 1.96 41.79
CA ALA B 129 -7.49 1.09 40.70
C ALA B 129 -6.05 0.76 40.28
N SER B 130 -5.16 1.75 40.42
N SER B 130 -5.12 1.72 40.39
CA SER B 130 -3.74 1.58 40.09
CA SER B 130 -3.71 1.42 39.99
C SER B 130 -3.16 0.40 40.91
C SER B 130 -3.19 0.29 40.91
N THR B 131 -3.39 0.44 42.21
CA THR B 131 -3.02 -0.62 43.18
C THR B 131 -3.64 -1.96 42.88
N ALA B 132 -4.95 -1.95 42.54
CA ALA B 132 -5.70 -3.14 42.28
C ALA B 132 -5.17 -3.83 41.05
N SER B 133 -4.65 -3.02 40.10
CA SER B 133 -4.38 -3.47 38.72
C SER B 133 -3.32 -4.51 38.63
N ASN B 134 -2.50 -4.62 39.68
CA ASN B 134 -1.57 -5.73 39.67
C ASN B 134 -1.84 -6.77 40.71
N LYS B 135 -3.07 -6.84 41.20
CA LYS B 135 -3.43 -7.89 42.21
C LYS B 135 -4.41 -8.88 41.59
N SER B 136 -4.33 -10.15 41.93
CA SER B 136 -5.25 -11.13 41.30
C SER B 136 -6.77 -10.79 41.47
N GLU B 137 -7.53 -10.77 40.36
CA GLU B 137 -8.94 -10.33 40.33
C GLU B 137 -9.14 -8.97 41.00
N GLY B 138 -8.10 -8.13 40.98
CA GLY B 138 -8.15 -6.75 41.45
C GLY B 138 -9.07 -5.90 40.61
N LEU B 139 -9.21 -6.32 39.32
CA LEU B 139 -10.08 -5.55 38.38
C LEU B 139 -11.24 -6.42 37.93
N ALA B 140 -12.33 -5.77 37.65
CA ALA B 140 -13.47 -6.46 36.94
C ALA B 140 -13.86 -5.53 35.80
N VAL B 141 -13.82 -6.06 34.57
CA VAL B 141 -14.20 -5.22 33.43
C VAL B 141 -15.50 -5.78 32.83
N LEU B 142 -16.42 -4.88 32.59
CA LEU B 142 -17.64 -5.21 31.85
C LEU B 142 -17.37 -4.89 30.40
N ALA B 143 -17.68 -5.84 29.47
CA ALA B 143 -17.52 -5.58 28.03
C ALA B 143 -18.83 -5.67 27.31
N VAL B 144 -19.08 -4.62 26.52
CA VAL B 144 -20.27 -4.53 25.65
C VAL B 144 -19.83 -4.55 24.24
N LEU B 145 -20.27 -5.56 23.49
CA LEU B 145 -19.98 -5.70 22.08
C LEU B 145 -20.87 -4.74 21.33
N ILE B 146 -20.32 -4.03 20.34
CA ILE B 146 -21.08 -3.00 19.61
C ILE B 146 -21.13 -3.36 18.15
N GLU B 147 -22.36 -3.37 17.61
CA GLU B 147 -22.53 -3.66 16.19
C GLU B 147 -23.03 -2.40 15.47
N MET B 148 -22.80 -2.34 14.17
CA MET B 148 -23.35 -1.28 13.37
C MET B 148 -24.86 -1.48 13.23
N GLY B 149 -25.60 -0.41 13.55
CA GLY B 149 -27.06 -0.49 13.50
C GLY B 149 -27.68 0.88 13.64
N SER B 150 -28.66 0.95 14.49
CA SER B 150 -29.33 2.24 14.78
C SER B 150 -28.45 3.22 15.55
N PHE B 151 -28.69 4.50 15.26
CA PHE B 151 -28.15 5.58 16.06
C PHE B 151 -28.46 5.33 17.50
N ASN B 152 -27.45 5.58 18.38
CA ASN B 152 -27.61 5.38 19.78
C ASN B 152 -27.38 6.69 20.53
N PRO B 153 -28.42 7.32 21.03
CA PRO B 153 -28.27 8.65 21.69
C PRO B 153 -27.48 8.51 22.97
N SER B 154 -27.49 7.38 23.67
CA SER B 154 -26.75 7.29 24.93
C SER B 154 -25.25 7.25 24.64
N TYR B 155 -24.78 6.46 23.65
CA TYR B 155 -23.39 6.48 23.26
C TYR B 155 -23.03 7.87 22.75
N ASP B 156 -23.95 8.58 22.17
CA ASP B 156 -23.61 9.87 21.64
C ASP B 156 -23.30 10.84 22.73
N LYS B 157 -23.76 10.60 23.93
CA LYS B 157 -23.41 11.48 25.07
C LYS B 157 -21.89 11.45 25.23
N ILE B 158 -21.21 10.35 24.89
CA ILE B 158 -19.75 10.34 24.91
C ILE B 158 -19.21 10.80 23.61
N PHE B 159 -19.72 10.28 22.46
CA PHE B 159 -19.06 10.47 21.21
C PHE B 159 -19.12 11.90 20.81
N SER B 160 -20.14 12.62 21.17
CA SER B 160 -20.25 14.07 20.77
C SER B 160 -19.16 14.94 21.38
N HIS B 161 -18.35 14.41 22.31
CA HIS B 161 -17.20 15.14 22.90
C HIS B 161 -15.86 14.72 22.39
N LEU B 162 -15.76 13.65 21.63
CA LEU B 162 -14.43 13.11 21.24
C LEU B 162 -13.68 14.07 20.35
N GLN B 163 -14.35 14.75 19.46
CA GLN B 163 -13.68 15.75 18.60
C GLN B 163 -13.01 16.89 19.44
N HIS B 164 -13.26 16.90 20.74
CA HIS B 164 -12.72 17.85 21.67
C HIS B 164 -11.55 17.35 22.55
N VAL B 165 -11.21 16.06 22.33
CA VAL B 165 -10.08 15.41 22.93
C VAL B 165 -9.33 14.72 21.82
N LYS B 166 -9.21 15.38 20.69
N LYS B 166 -9.23 15.45 20.75
CA LYS B 166 -8.61 14.73 19.53
CA LYS B 166 -8.68 14.93 19.58
C LYS B 166 -7.16 14.28 19.77
C LYS B 166 -7.24 14.45 19.71
N TYR B 167 -6.42 15.04 20.58
CA TYR B 167 -5.02 14.78 20.68
C TYR B 167 -4.58 14.27 22.07
N LYS B 168 -3.49 13.53 22.09
CA LYS B 168 -2.93 13.08 23.37
C LYS B 168 -2.81 14.18 24.37
N GLY B 169 -3.28 13.90 25.59
CA GLY B 169 -3.21 14.85 26.69
C GLY B 169 -4.39 15.76 26.87
N GLN B 170 -5.24 15.79 25.87
CA GLN B 170 -6.40 16.67 25.92
C GLN B 170 -7.47 16.07 26.82
N GLU B 171 -8.25 16.93 27.44
CA GLU B 171 -9.29 16.57 28.37
C GLU B 171 -10.56 17.45 28.10
N ALA B 172 -11.74 16.86 28.37
CA ALA B 172 -13.03 17.48 28.22
C ALA B 172 -13.90 16.97 29.32
N PHE B 173 -14.92 17.72 29.65
CA PHE B 173 -15.97 17.31 30.58
C PHE B 173 -17.25 16.93 29.88
N VAL B 174 -17.75 15.79 30.38
CA VAL B 174 -19.00 15.14 29.86
C VAL B 174 -20.04 15.23 31.01
N PRO B 175 -21.21 15.85 30.74
CA PRO B 175 -22.24 15.85 31.82
C PRO B 175 -22.64 14.37 32.16
N GLY B 176 -23.00 14.13 33.41
CA GLY B 176 -23.43 12.81 33.81
C GLY B 176 -24.68 12.40 33.06
N PHE B 177 -24.69 11.10 32.90
CA PHE B 177 -25.87 10.41 32.33
C PHE B 177 -25.87 9.03 32.90
N ASN B 178 -26.99 8.35 32.60
CA ASN B 178 -27.13 7.03 33.15
C ASN B 178 -26.29 6.00 32.31
N ILE B 179 -25.19 5.60 32.91
CA ILE B 179 -24.24 4.63 32.28
C ILE B 179 -24.92 3.37 31.95
N GLU B 180 -25.95 2.99 32.68
CA GLU B 180 -26.63 1.75 32.32
C GLU B 180 -27.28 1.78 30.96
N GLU B 181 -27.51 2.96 30.36
CA GLU B 181 -28.01 3.09 29.01
C GLU B 181 -26.99 2.60 27.98
N LEU B 182 -25.72 2.36 28.42
CA LEU B 182 -24.74 1.85 27.48
C LEU B 182 -24.78 0.35 27.45
N LEU B 183 -25.42 -0.31 28.42
CA LEU B 183 -25.46 -1.77 28.50
C LEU B 183 -26.59 -2.31 27.60
N PRO B 184 -26.39 -3.54 27.14
CA PRO B 184 -27.41 -4.18 26.26
C PRO B 184 -28.58 -4.70 27.00
N GLU B 185 -29.45 -5.28 26.17
CA GLU B 185 -30.59 -6.04 26.68
C GLU B 185 -30.10 -7.30 27.41
N ARG B 186 -30.86 -7.68 28.42
CA ARG B 186 -30.72 -8.94 29.13
C ARG B 186 -29.28 -9.03 29.67
N THR B 187 -28.93 -8.05 30.49
CA THR B 187 -27.62 -8.15 31.15
C THR B 187 -27.38 -9.37 31.98
N ALA B 188 -28.51 -10.06 32.35
CA ALA B 188 -28.31 -11.30 33.02
C ALA B 188 -27.60 -12.38 32.20
N GLU B 189 -27.52 -12.23 30.88
CA GLU B 189 -26.86 -13.25 30.04
C GLU B 189 -25.46 -12.72 29.70
N TYR B 190 -24.46 -13.39 30.23
CA TYR B 190 -23.03 -12.96 30.03
C TYR B 190 -22.11 -14.15 30.00
N TYR B 191 -20.92 -13.91 29.50
CA TYR B 191 -19.78 -14.77 29.55
C TYR B 191 -18.88 -14.27 30.65
N ARG B 192 -18.28 -15.18 31.39
CA ARG B 192 -17.36 -14.82 32.50
C ARG B 192 -16.12 -15.58 32.43
N TYR B 193 -14.95 -14.93 32.52
CA TYR B 193 -13.68 -15.68 32.51
C TYR B 193 -12.60 -14.85 33.16
N ARG B 194 -11.57 -15.55 33.62
CA ARG B 194 -10.37 -14.86 34.21
C ARG B 194 -9.43 -14.60 33.12
N GLY B 195 -9.04 -13.31 32.99
CA GLY B 195 -8.13 -12.90 31.97
C GLY B 195 -7.24 -11.73 32.38
N SER B 196 -6.98 -10.87 31.43
CA SER B 196 -5.92 -9.88 31.61
C SER B 196 -6.38 -8.56 31.07
N LEU B 197 -5.59 -7.55 31.36
CA LEU B 197 -5.67 -6.29 30.58
C LEU B 197 -5.33 -6.60 29.14
N THR B 198 -6.05 -5.88 28.22
CA THR B 198 -5.72 -6.12 26.81
C THR B 198 -4.70 -5.19 26.18
N THR B 199 -4.15 -4.29 27.06
CA THR B 199 -3.04 -3.39 26.65
C THR B 199 -1.95 -3.68 27.62
N PRO B 200 -0.74 -3.27 27.23
CA PRO B 200 0.32 -3.21 28.24
C PRO B 200 -0.14 -2.46 29.49
N PRO B 201 0.24 -2.96 30.68
CA PRO B 201 1.21 -4.01 30.93
C PRO B 201 0.66 -5.43 30.90
N CYS B 202 -0.61 -5.61 30.48
CA CYS B 202 -1.22 -6.98 30.21
C CYS B 202 -1.32 -7.80 31.52
N ASN B 203 -1.45 -7.10 32.63
CA ASN B 203 -1.51 -7.79 33.94
C ASN B 203 -2.61 -8.85 33.86
N PRO B 204 -2.39 -10.09 34.33
CA PRO B 204 -3.45 -11.12 34.43
C PRO B 204 -4.36 -11.00 35.61
N THR B 205 -5.06 -9.90 35.76
CA THR B 205 -5.71 -9.57 36.99
C THR B 205 -7.12 -9.14 36.79
N VAL B 206 -7.73 -9.54 35.64
CA VAL B 206 -9.10 -9.06 35.36
C VAL B 206 -10.09 -10.18 35.36
N LEU B 207 -11.16 -9.98 36.06
CA LEU B 207 -12.34 -10.79 35.96
C LEU B 207 -13.21 -10.16 34.86
N TRP B 208 -13.34 -10.88 33.72
CA TRP B 208 -14.05 -10.35 32.56
C TRP B 208 -15.51 -10.77 32.61
N THR B 209 -16.42 -9.85 32.32
CA THR B 209 -17.85 -10.15 32.03
C THR B 209 -18.12 -9.60 30.71
N VAL B 210 -18.44 -10.45 29.74
CA VAL B 210 -18.81 -9.95 28.39
C VAL B 210 -20.28 -10.19 28.18
N PHE B 211 -21.05 -9.19 28.03
CA PHE B 211 -22.51 -9.45 27.83
C PHE B 211 -22.78 -10.22 26.55
N ARG B 212 -23.77 -11.12 26.63
CA ARG B 212 -24.11 -11.90 25.45
C ARG B 212 -24.63 -11.06 24.27
N ASN B 213 -25.41 -10.02 24.58
CA ASN B 213 -26.12 -9.36 23.49
C ASN B 213 -25.36 -8.06 23.19
N PRO B 214 -25.16 -7.71 21.96
CA PRO B 214 -24.56 -6.43 21.56
C PRO B 214 -25.48 -5.29 21.67
N VAL B 215 -24.92 -4.08 21.68
CA VAL B 215 -25.66 -2.88 21.42
C VAL B 215 -25.39 -2.40 20.02
N GLN B 216 -26.17 -1.46 19.50
CA GLN B 216 -25.95 -0.86 18.19
C GLN B 216 -25.61 0.61 18.27
N ILE B 217 -24.72 1.02 17.42
CA ILE B 217 -24.48 2.45 17.15
C ILE B 217 -24.53 2.60 15.60
N SER B 218 -24.70 3.83 15.13
CA SER B 218 -24.82 3.93 13.67
C SER B 218 -23.56 3.95 12.93
N GLN B 219 -23.61 3.76 11.62
CA GLN B 219 -22.44 3.98 10.74
C GLN B 219 -21.84 5.39 10.96
N GLU B 220 -22.66 6.43 11.04
CA GLU B 220 -22.12 7.76 11.20
C GLU B 220 -21.42 7.88 12.55
N GLN B 221 -21.93 7.20 13.56
CA GLN B 221 -21.24 7.25 14.88
C GLN B 221 -19.96 6.53 14.83
N LEU B 222 -19.92 5.38 14.15
CA LEU B 222 -18.66 4.67 14.00
C LEU B 222 -17.66 5.51 13.22
N LEU B 223 -18.09 6.12 12.11
CA LEU B 223 -17.17 6.92 11.34
C LEU B 223 -16.65 8.06 12.13
N ALA B 224 -17.49 8.68 12.93
CA ALA B 224 -16.98 9.81 13.70
C ALA B 224 -15.97 9.28 14.72
N LEU B 225 -16.27 8.17 15.43
CA LEU B 225 -15.32 7.57 16.36
C LEU B 225 -14.01 7.21 15.74
N GLU B 226 -14.05 6.62 14.56
CA GLU B 226 -12.85 6.22 13.83
C GLU B 226 -12.02 7.33 13.18
N THR B 227 -12.56 8.53 13.10
CA THR B 227 -11.82 9.63 12.48
C THR B 227 -11.60 10.77 13.45
N ALA B 228 -12.02 10.68 14.69
CA ALA B 228 -11.96 11.86 15.54
C ALA B 228 -10.60 11.93 16.27
N LEU B 229 -9.85 10.86 16.48
CA LEU B 229 -8.82 10.87 17.51
C LEU B 229 -7.49 10.48 16.95
N TYR B 230 -6.47 11.04 17.61
CA TYR B 230 -5.09 10.82 17.37
C TYR B 230 -4.38 10.28 18.60
N CYS B 231 -3.38 9.44 18.37
CA CYS B 231 -2.59 8.90 19.48
C CYS B 231 -1.49 9.92 19.93
N THR B 232 -1.29 10.92 19.09
CA THR B 232 -0.14 11.85 19.24
C THR B 232 -0.60 13.18 19.75
N HIS B 233 0.37 13.96 20.24
CA HIS B 233 0.08 15.32 20.64
C HIS B 233 -0.24 16.27 19.51
N MET B 234 -1.00 17.32 19.81
CA MET B 234 -1.42 18.31 18.81
C MET B 234 -0.19 18.84 17.99
N ASP B 235 0.94 18.95 18.61
CA ASP B 235 2.10 19.46 17.88
C ASP B 235 3.05 18.45 17.38
N ASP B 236 2.67 17.19 17.26
CA ASP B 236 3.60 16.18 16.91
C ASP B 236 3.80 16.21 15.38
N PRO B 237 5.05 16.27 14.88
CA PRO B 237 5.24 16.32 13.46
C PRO B 237 5.06 14.95 12.74
N SER B 238 4.89 13.88 13.55
N SER B 238 4.85 13.86 13.50
CA SER B 238 4.54 12.53 13.04
CA SER B 238 4.49 12.55 12.87
C SER B 238 3.20 12.11 13.65
C SER B 238 3.20 12.01 13.44
N PRO B 239 2.10 12.65 13.11
CA PRO B 239 0.79 12.26 13.74
C PRO B 239 0.42 10.86 13.42
N ARG B 240 -0.33 10.24 14.36
CA ARG B 240 -0.77 8.85 14.19
C ARG B 240 -2.26 8.81 14.58
N GLU B 241 -3.10 8.34 13.68
CA GLU B 241 -4.55 8.27 13.96
C GLU B 241 -4.79 7.14 14.99
N MET B 242 -5.77 7.38 15.86
CA MET B 242 -6.15 6.31 16.82
C MET B 242 -7.26 5.43 16.18
N ILE B 243 -6.75 4.40 15.55
CA ILE B 243 -7.58 3.46 14.81
C ILE B 243 -7.02 2.09 15.06
N ASN B 244 -7.91 1.08 14.84
CA ASN B 244 -7.50 -0.30 14.99
C ASN B 244 -6.89 -0.61 16.32
N ASN B 245 -7.46 -0.01 17.36
CA ASN B 245 -6.90 -0.13 18.69
C ASN B 245 -7.48 -1.27 19.47
N PHE B 246 -7.32 -2.44 18.89
CA PHE B 246 -7.73 -3.72 19.52
C PHE B 246 -6.64 -4.70 19.39
N ARG B 247 -6.53 -5.54 20.38
CA ARG B 247 -5.53 -6.66 20.34
C ARG B 247 -6.19 -7.86 19.66
N GLN B 248 -5.37 -8.67 18.95
CA GLN B 248 -5.86 -9.96 18.44
C GLN B 248 -6.22 -10.85 19.58
N VAL B 249 -7.14 -11.77 19.25
CA VAL B 249 -7.47 -12.79 20.31
C VAL B 249 -6.32 -13.75 20.59
N GLN B 250 -6.31 -14.20 21.81
CA GLN B 250 -5.22 -14.94 22.45
C GLN B 250 -5.53 -16.43 22.49
N LYS B 251 -4.49 -17.25 22.58
CA LYS B 251 -4.75 -18.69 22.85
C LYS B 251 -5.47 -18.83 24.18
N PHE B 252 -6.35 -19.84 24.26
CA PHE B 252 -7.11 -20.06 25.49
C PHE B 252 -7.45 -21.48 25.49
N ASP B 253 -6.59 -22.21 26.21
CA ASP B 253 -6.54 -23.69 26.20
C ASP B 253 -6.25 -24.04 27.64
N GLU B 254 -6.85 -25.12 28.05
CA GLU B 254 -6.99 -25.37 29.46
C GLU B 254 -8.07 -24.41 30.08
N ARG B 255 -8.17 -23.16 29.63
N ARG B 255 -8.12 -23.11 29.72
CA ARG B 255 -9.16 -22.24 30.19
CA ARG B 255 -9.15 -22.17 30.28
C ARG B 255 -10.65 -22.56 29.69
C ARG B 255 -10.61 -22.56 29.73
N LEU B 256 -11.65 -22.41 30.57
CA LEU B 256 -13.06 -22.37 30.13
C LEU B 256 -13.66 -20.95 30.40
N VAL B 257 -14.66 -20.65 29.58
CA VAL B 257 -15.45 -19.45 29.75
C VAL B 257 -16.80 -19.93 30.28
N TYR B 258 -17.21 -19.35 31.35
CA TYR B 258 -18.48 -19.74 32.00
C TYR B 258 -19.60 -18.90 31.53
N THR B 259 -20.76 -19.42 31.27
CA THR B 259 -21.83 -18.64 30.77
C THR B 259 -22.99 -18.65 31.77
N SER B 260 -23.70 -17.57 31.86
CA SER B 260 -24.88 -17.48 32.77
C SER B 260 -26.11 -17.95 32.07
N PHE B 261 -26.01 -18.34 30.79
CA PHE B 261 -27.11 -18.81 29.94
C PHE B 261 -26.76 -20.18 29.45
N SER B 262 -27.82 -21.01 29.33
CA SER B 262 -27.45 -22.39 29.00
C SER B 262 -27.49 -22.59 27.52
N GLN B 263 -28.52 -21.98 26.92
CA GLN B 263 -28.79 -21.93 25.47
C GLN B 263 -29.18 -20.49 25.05
N LYS C 3 26.13 6.85 -13.66
CA LYS C 3 25.15 6.47 -12.58
C LYS C 3 23.86 7.32 -12.67
N TRP C 4 22.76 6.60 -12.92
CA TRP C 4 21.39 7.12 -13.04
C TRP C 4 20.34 6.04 -12.93
N THR C 5 19.14 6.44 -12.49
CA THR C 5 18.06 5.47 -12.37
C THR C 5 16.74 6.17 -12.82
N TYR C 6 15.63 5.42 -12.79
CA TYR C 6 14.32 6.02 -13.00
C TYR C 6 13.53 6.35 -11.69
N PHE C 7 14.16 6.28 -10.53
CA PHE C 7 13.43 6.60 -9.29
C PHE C 7 14.31 7.34 -8.29
N GLY C 8 13.88 7.40 -7.03
CA GLY C 8 14.70 7.87 -5.88
C GLY C 8 15.39 9.17 -6.24
N PRO C 9 16.60 9.40 -5.68
CA PRO C 9 17.35 10.65 -5.94
C PRO C 9 18.25 10.68 -7.19
N ASP C 10 18.47 9.55 -7.86
CA ASP C 10 19.24 9.60 -9.10
C ASP C 10 18.36 9.49 -10.35
N GLY C 11 17.05 9.73 -10.14
CA GLY C 11 15.99 9.68 -11.16
C GLY C 11 16.04 10.89 -12.13
N GLU C 12 15.05 10.88 -12.97
CA GLU C 12 15.07 11.73 -14.13
C GLU C 12 15.20 13.23 -13.90
N ASN C 13 14.65 13.74 -12.80
CA ASN C 13 14.78 15.16 -12.56
C ASN C 13 16.22 15.53 -12.18
N SER C 14 17.03 14.52 -11.84
N SER C 14 17.06 14.55 -11.84
CA SER C 14 18.44 14.74 -11.47
CA SER C 14 18.48 14.88 -11.52
C SER C 14 19.42 14.56 -12.60
C SER C 14 19.44 14.38 -12.55
N TRP C 15 18.99 13.91 -13.67
CA TRP C 15 19.93 13.52 -14.74
C TRP C 15 20.77 14.68 -15.20
N SER C 16 20.21 15.89 -15.28
CA SER C 16 20.83 17.05 -15.90
C SER C 16 22.09 17.46 -15.07
N LYS C 17 22.23 16.98 -13.83
N LYS C 17 22.26 17.06 -13.84
CA LYS C 17 23.42 17.31 -13.00
CA LYS C 17 23.54 17.49 -13.19
C LYS C 17 24.66 16.75 -13.65
C LYS C 17 24.75 16.84 -13.95
N LYS C 18 24.60 15.54 -14.12
N LYS C 18 24.69 15.52 -14.09
CA LYS C 18 25.79 14.98 -14.73
CA LYS C 18 25.77 14.76 -14.78
C LYS C 18 25.71 15.04 -16.22
C LYS C 18 25.66 14.62 -16.27
N TYR C 19 24.49 14.97 -16.79
CA TYR C 19 24.25 14.89 -18.22
C TYR C 19 23.55 16.11 -18.68
N PRO C 20 24.24 17.20 -18.99
CA PRO C 20 23.59 18.48 -19.15
C PRO C 20 22.57 18.46 -20.30
N SER C 21 22.73 17.62 -21.31
CA SER C 21 21.75 17.68 -22.41
C SER C 21 20.38 17.30 -21.89
N CYS C 22 20.28 16.64 -20.73
CA CYS C 22 18.95 16.25 -20.26
C CYS C 22 18.13 17.44 -19.85
N GLY C 23 18.76 18.58 -19.67
CA GLY C 23 18.03 19.82 -19.36
C GLY C 23 18.07 20.81 -20.56
N GLY C 24 18.49 20.34 -21.74
CA GLY C 24 18.57 21.15 -22.93
C GLY C 24 17.42 21.09 -23.87
N LEU C 25 17.68 21.40 -25.11
CA LEU C 25 16.64 21.49 -26.14
C LEU C 25 16.33 20.07 -26.68
N LEU C 26 15.21 20.06 -27.37
CA LEU C 26 14.74 18.91 -28.19
C LEU C 26 14.56 17.62 -27.43
N GLN C 27 14.14 17.68 -26.19
CA GLN C 27 14.06 16.48 -25.37
C GLN C 27 12.83 15.65 -25.75
N SER C 28 13.01 14.35 -25.69
CA SER C 28 11.99 13.35 -25.89
C SER C 28 11.78 12.57 -24.59
N PRO C 29 10.67 11.87 -24.40
CA PRO C 29 9.59 11.68 -25.34
C PRO C 29 8.58 12.83 -25.18
N ILE C 30 7.54 12.79 -26.01
CA ILE C 30 6.51 13.84 -26.08
C ILE C 30 5.19 13.19 -26.27
N ASP C 31 4.18 14.03 -25.98
CA ASP C 31 2.78 13.67 -26.30
C ASP C 31 2.45 14.03 -27.72
N LEU C 32 1.91 13.03 -28.41
CA LEU C 32 1.50 13.20 -29.81
C LEU C 32 0.00 13.46 -29.85
N HIS C 33 -0.39 14.62 -30.29
CA HIS C 33 -1.81 14.94 -30.24
C HIS C 33 -2.18 15.78 -31.42
N SER C 34 -3.48 15.91 -31.74
CA SER C 34 -3.86 16.29 -33.13
C SER C 34 -3.48 17.69 -33.50
N ASP C 35 -3.50 18.56 -32.50
CA ASP C 35 -3.26 20.02 -32.71
C ASP C 35 -1.82 20.39 -33.09
N ILE C 36 -0.91 19.43 -32.93
CA ILE C 36 0.44 19.70 -33.33
C ILE C 36 0.90 18.80 -34.46
N LEU C 37 0.01 18.08 -35.06
CA LEU C 37 0.37 17.25 -36.19
C LEU C 37 0.22 17.94 -37.49
N GLN C 38 1.13 17.66 -38.41
CA GLN C 38 1.03 18.24 -39.75
C GLN C 38 1.42 17.13 -40.78
N TYR C 39 0.55 16.84 -41.77
CA TYR C 39 1.00 15.98 -42.87
C TYR C 39 2.19 16.50 -43.63
N ASP C 40 3.15 15.65 -43.97
CA ASP C 40 4.38 16.03 -44.70
C ASP C 40 4.51 14.95 -45.78
N ALA C 41 4.43 15.45 -47.03
CA ALA C 41 4.59 14.56 -48.18
C ALA C 41 5.94 13.94 -48.34
N SER C 42 6.98 14.46 -47.69
CA SER C 42 8.30 13.87 -47.81
C SER C 42 8.39 12.49 -47.06
N LEU C 43 7.37 12.21 -46.21
CA LEU C 43 7.52 11.05 -45.30
C LEU C 43 7.01 9.80 -45.98
N THR C 44 7.82 9.35 -46.91
CA THR C 44 7.48 8.16 -47.69
C THR C 44 7.80 6.92 -46.86
N PRO C 45 7.44 5.72 -47.30
CA PRO C 45 7.69 4.52 -46.55
C PRO C 45 9.15 4.20 -46.34
N LEU C 46 9.54 3.86 -45.13
CA LEU C 46 10.85 3.34 -44.87
C LEU C 46 10.96 1.88 -45.38
N GLU C 47 12.20 1.51 -45.67
CA GLU C 47 12.49 0.10 -46.02
C GLU C 47 13.42 -0.46 -44.98
N PHE C 48 13.15 -1.66 -44.50
CA PHE C 48 13.88 -2.25 -43.43
C PHE C 48 14.71 -3.35 -44.07
N GLN C 49 15.98 -3.12 -44.10
CA GLN C 49 16.89 -4.03 -44.86
C GLN C 49 17.72 -4.82 -43.92
N GLY C 50 17.86 -6.14 -44.20
CA GLY C 50 18.68 -6.96 -43.36
C GLY C 50 18.10 -7.27 -41.99
N TYR C 51 16.80 -7.06 -41.83
CA TYR C 51 16.09 -7.33 -40.54
C TYR C 51 15.85 -8.84 -40.27
N ASN C 52 15.96 -9.64 -41.33
CA ASN C 52 15.66 -11.09 -41.17
C ASN C 52 16.91 -11.80 -40.66
N LEU C 53 17.12 -11.86 -39.35
CA LEU C 53 18.36 -12.37 -38.86
C LEU C 53 18.19 -13.90 -38.80
N SER C 54 19.23 -14.61 -39.20
CA SER C 54 19.16 -16.08 -39.22
C SER C 54 19.03 -16.65 -37.82
N ALA C 55 18.20 -17.69 -37.70
CA ALA C 55 18.14 -18.48 -36.43
C ALA C 55 19.44 -19.16 -36.02
N ASN C 56 20.38 -19.27 -36.97
CA ASN C 56 21.68 -19.92 -36.78
C ASN C 56 22.64 -18.96 -36.10
N LYS C 57 22.29 -17.65 -36.12
CA LYS C 57 23.14 -16.60 -35.52
C LYS C 57 22.56 -16.24 -34.23
N GLN C 58 23.39 -15.67 -33.34
CA GLN C 58 22.82 -15.30 -32.05
C GLN C 58 23.27 -13.86 -31.70
N PHE C 59 22.51 -13.26 -30.78
CA PHE C 59 22.61 -11.78 -30.52
C PHE C 59 22.55 -11.58 -29.06
N LEU C 60 23.44 -10.75 -28.51
CA LEU C 60 23.63 -10.60 -27.12
C LEU C 60 22.51 -9.77 -26.47
N LEU C 61 21.84 -10.35 -25.50
CA LEU C 61 20.85 -9.71 -24.62
C LEU C 61 21.48 -9.38 -23.30
N THR C 62 21.31 -8.17 -22.82
CA THR C 62 22.00 -7.67 -21.63
C THR C 62 20.95 -7.01 -20.77
N ASN C 63 20.87 -7.37 -19.52
CA ASN C 63 20.36 -6.47 -18.55
C ASN C 63 21.38 -5.49 -18.08
N ASN C 64 21.14 -4.20 -18.39
CA ASN C 64 22.07 -3.20 -18.02
C ASN C 64 21.66 -2.41 -16.82
N GLY C 65 20.66 -2.90 -16.09
CA GLY C 65 20.11 -2.21 -14.94
C GLY C 65 19.13 -1.10 -15.25
N HIS C 66 19.01 -0.71 -16.53
CA HIS C 66 18.04 0.28 -17.00
C HIS C 66 16.96 -0.32 -17.87
N SER C 67 17.30 -1.21 -18.76
CA SER C 67 16.39 -1.91 -19.62
C SER C 67 17.02 -3.23 -19.92
N VAL C 68 16.33 -3.96 -20.79
CA VAL C 68 17.00 -5.10 -21.41
C VAL C 68 17.23 -4.71 -22.85
N LYS C 69 18.48 -4.91 -23.28
CA LYS C 69 18.80 -4.55 -24.64
C LYS C 69 19.29 -5.74 -25.40
N LEU C 70 18.96 -5.78 -26.65
CA LEU C 70 19.42 -6.76 -27.60
C LEU C 70 20.34 -6.08 -28.59
N ASN C 71 21.60 -6.51 -28.65
CA ASN C 71 22.53 -5.97 -29.63
C ASN C 71 22.08 -6.43 -31.01
N LEU C 72 22.23 -5.56 -32.03
CA LEU C 72 21.80 -5.84 -33.37
C LEU C 72 22.97 -5.51 -34.35
N PRO C 73 23.05 -6.25 -35.46
CA PRO C 73 24.21 -6.09 -36.33
C PRO C 73 24.06 -4.89 -37.27
N SER C 74 25.22 -4.29 -37.61
CA SER C 74 25.25 -3.08 -38.44
C SER C 74 24.84 -3.36 -39.89
N ASP C 75 24.68 -4.64 -40.29
CA ASP C 75 24.09 -4.96 -41.60
C ASP C 75 22.63 -4.68 -41.73
N MET C 76 21.98 -4.49 -40.58
CA MET C 76 20.55 -4.20 -40.58
C MET C 76 20.47 -2.67 -40.74
N HIS C 77 19.64 -2.26 -41.65
CA HIS C 77 19.51 -0.80 -41.85
C HIS C 77 18.20 -0.34 -42.33
N ILE C 78 18.03 0.96 -42.06
CA ILE C 78 16.86 1.67 -42.66
C ILE C 78 17.29 2.33 -43.93
N GLN C 79 16.53 2.10 -44.99
CA GLN C 79 16.68 2.77 -46.27
C GLN C 79 15.44 3.71 -46.41
N GLY C 80 15.68 4.90 -46.90
CA GLY C 80 14.61 5.92 -47.07
C GLY C 80 14.91 7.27 -46.42
N LEU C 81 15.84 7.31 -45.46
CA LEU C 81 16.18 8.59 -44.80
C LEU C 81 17.28 9.26 -45.61
N GLN C 82 17.84 10.36 -45.09
CA GLN C 82 18.83 11.22 -45.80
C GLN C 82 20.19 10.53 -45.88
N SER C 83 20.46 9.65 -44.91
CA SER C 83 21.71 8.92 -44.78
C SER C 83 21.24 7.51 -44.49
N ARG C 84 22.11 6.53 -44.69
CA ARG C 84 21.83 5.19 -44.13
C ARG C 84 21.95 5.19 -42.64
N TYR C 85 20.96 4.58 -41.94
CA TYR C 85 21.08 4.41 -40.51
C TYR C 85 21.16 2.90 -40.26
N SER C 86 22.21 2.48 -39.59
CA SER C 86 22.40 1.07 -39.33
C SER C 86 22.00 0.75 -37.89
N ALA C 87 21.55 -0.47 -37.72
CA ALA C 87 21.07 -0.88 -36.39
C ALA C 87 22.22 -1.01 -35.38
N THR C 88 21.89 -0.76 -34.11
CA THR C 88 22.81 -1.02 -33.02
C THR C 88 22.25 -1.87 -31.89
N GLN C 89 21.00 -1.62 -31.50
CA GLN C 89 20.36 -2.37 -30.38
C GLN C 89 18.87 -2.08 -30.42
N LEU C 90 18.09 -2.95 -29.81
CA LEU C 90 16.77 -2.60 -29.37
C LEU C 90 16.57 -2.81 -27.96
N HIS C 91 15.51 -2.22 -27.42
CA HIS C 91 15.22 -2.31 -26.01
C HIS C 91 13.75 -1.91 -25.80
N LEU C 92 13.26 -2.10 -24.56
CA LEU C 92 11.86 -1.78 -24.25
C LEU C 92 11.81 -0.92 -23.00
N HIS C 93 10.61 -0.29 -22.89
CA HIS C 93 10.17 0.44 -21.75
C HIS C 93 8.78 -0.03 -21.34
N TRP C 94 8.60 -0.07 -20.04
CA TRP C 94 7.33 -0.56 -19.50
C TRP C 94 7.06 0.09 -18.16
N GLY C 95 5.84 -0.30 -17.72
CA GLY C 95 5.29 0.17 -16.45
C GLY C 95 5.48 -0.82 -15.29
N ASN C 96 4.31 -1.10 -14.67
CA ASN C 96 4.33 -2.06 -13.53
C ASN C 96 2.98 -2.70 -13.46
N PRO C 97 2.86 -3.86 -12.75
CA PRO C 97 1.59 -4.57 -12.82
C PRO C 97 0.43 -3.79 -12.19
N ASN C 98 0.76 -2.88 -11.27
CA ASN C 98 -0.37 -2.01 -10.69
C ASN C 98 -0.83 -0.87 -11.62
N ASP C 99 0.06 -0.46 -12.52
CA ASP C 99 -0.16 0.68 -13.46
C ASP C 99 0.54 0.31 -14.81
N PRO C 100 -0.08 -0.53 -15.60
CA PRO C 100 0.62 -1.14 -16.70
C PRO C 100 0.57 -0.25 -17.92
N HIS C 101 1.14 0.93 -17.71
CA HIS C 101 1.09 1.97 -18.80
C HIS C 101 2.39 2.70 -18.90
N GLY C 102 3.40 2.07 -19.45
CA GLY C 102 4.73 2.54 -19.42
C GLY C 102 5.42 2.75 -20.76
N SER C 103 4.63 3.11 -21.77
CA SER C 103 5.24 3.68 -22.97
C SER C 103 5.90 5.03 -22.64
N GLU C 104 6.85 5.42 -23.48
CA GLU C 104 7.46 6.76 -23.36
C GLU C 104 6.63 7.80 -24.07
N HIS C 105 6.40 7.64 -25.36
CA HIS C 105 5.43 8.54 -26.05
C HIS C 105 4.05 8.26 -25.60
N THR C 106 3.25 9.32 -25.65
CA THR C 106 1.82 9.22 -25.36
C THR C 106 1.10 9.70 -26.58
N VAL C 107 -0.19 9.28 -26.73
CA VAL C 107 -1.01 9.78 -27.84
C VAL C 107 -2.31 10.32 -27.22
N SER C 108 -2.56 11.60 -27.47
CA SER C 108 -3.68 12.31 -26.93
C SER C 108 -3.67 12.14 -25.41
N GLY C 109 -2.49 12.19 -24.79
CA GLY C 109 -2.35 12.14 -23.37
C GLY C 109 -2.26 10.74 -22.77
N GLN C 110 -2.50 9.71 -23.53
CA GLN C 110 -2.55 8.34 -23.01
C GLN C 110 -1.26 7.55 -23.30
N HIS C 111 -0.80 6.91 -22.26
CA HIS C 111 0.27 5.94 -22.40
C HIS C 111 -0.29 4.68 -23.02
N PHE C 112 0.60 3.98 -23.66
CA PHE C 112 0.38 2.58 -24.06
C PHE C 112 1.03 1.72 -23.00
N ALA C 113 0.82 0.37 -23.05
CA ALA C 113 1.41 -0.44 -22.07
C ALA C 113 2.90 -0.46 -21.97
N ALA C 114 3.50 -0.44 -23.18
CA ALA C 114 4.96 -0.52 -23.27
C ALA C 114 5.37 0.09 -24.62
N GLU C 115 6.69 0.17 -24.83
CA GLU C 115 7.16 0.74 -26.09
C GLU C 115 8.55 0.04 -26.41
N LEU C 116 8.66 -0.37 -27.67
CA LEU C 116 9.94 -0.91 -28.18
C LEU C 116 10.65 0.13 -29.00
N HIS C 117 11.93 0.24 -28.77
CA HIS C 117 12.81 1.16 -29.50
C HIS C 117 13.84 0.35 -30.24
N ILE C 118 13.92 0.59 -31.51
CA ILE C 118 15.06 0.01 -32.33
C ILE C 118 16.00 1.12 -32.75
N VAL C 119 17.14 1.16 -32.13
CA VAL C 119 18.11 2.24 -32.23
C VAL C 119 19.02 1.98 -33.40
N HIS C 120 19.14 3.01 -34.23
CA HIS C 120 20.11 2.96 -35.37
C HIS C 120 20.97 4.17 -35.31
N TYR C 121 22.17 4.11 -35.97
CA TYR C 121 23.07 5.26 -36.04
C TYR C 121 23.42 5.55 -37.48
N ASN C 122 23.87 6.79 -37.68
CA ASN C 122 24.19 7.27 -39.08
C ASN C 122 25.59 6.78 -39.48
N SER C 123 25.53 5.65 -40.21
CA SER C 123 26.78 4.93 -40.53
C SER C 123 27.40 5.57 -41.77
N ASP C 124 26.69 6.45 -42.47
CA ASP C 124 27.36 7.24 -43.53
C ASP C 124 28.27 8.30 -42.90
N LEU C 125 27.88 8.90 -41.80
CA LEU C 125 28.67 9.94 -41.17
C LEU C 125 29.67 9.45 -40.11
N TYR C 126 29.36 8.34 -39.43
CA TYR C 126 30.06 8.00 -38.19
C TYR C 126 30.37 6.53 -38.21
N PRO C 127 31.48 6.12 -37.51
CA PRO C 127 31.94 4.76 -37.68
C PRO C 127 31.26 3.77 -36.75
N ASP C 128 30.54 4.27 -35.73
CA ASP C 128 29.88 3.36 -34.78
C ASP C 128 28.81 4.17 -34.02
N ALA C 129 27.97 3.46 -33.27
CA ALA C 129 26.92 4.10 -32.57
C ALA C 129 27.34 5.06 -31.44
N SER C 130 28.31 4.61 -30.67
CA SER C 130 28.83 5.44 -29.63
C SER C 130 29.32 6.77 -30.13
N THR C 131 30.11 6.74 -31.24
CA THR C 131 30.68 8.00 -31.74
C THR C 131 29.51 8.84 -32.23
N ALA C 132 28.53 8.15 -32.87
CA ALA C 132 27.40 8.93 -33.45
C ALA C 132 26.48 9.61 -32.44
N SER C 133 26.43 9.04 -31.24
CA SER C 133 25.33 9.35 -30.34
C SER C 133 25.27 10.78 -29.88
N ASN C 134 26.38 11.47 -29.86
CA ASN C 134 26.44 12.85 -29.43
C ASN C 134 26.71 13.83 -30.55
N LYS C 135 26.50 13.40 -31.82
CA LYS C 135 26.83 14.20 -32.96
C LYS C 135 25.64 14.46 -33.90
N SER C 136 25.76 15.48 -34.72
CA SER C 136 24.75 15.90 -35.60
C SER C 136 24.19 14.76 -36.45
N GLU C 137 22.88 14.63 -36.44
CA GLU C 137 22.24 13.61 -37.27
C GLU C 137 22.70 12.24 -36.93
N GLY C 138 23.05 11.98 -35.70
CA GLY C 138 23.70 10.75 -35.32
C GLY C 138 22.85 9.53 -35.28
N LEU C 139 21.60 9.68 -34.80
CA LEU C 139 20.80 8.51 -34.47
C LEU C 139 19.40 8.56 -35.09
N ALA C 140 18.79 7.41 -35.31
CA ALA C 140 17.40 7.32 -35.76
C ALA C 140 16.82 6.17 -34.95
N VAL C 141 15.66 6.40 -34.29
CA VAL C 141 15.04 5.39 -33.46
C VAL C 141 13.67 5.11 -34.04
N LEU C 142 13.32 3.83 -34.20
CA LEU C 142 11.97 3.45 -34.54
C LEU C 142 11.26 3.07 -33.28
N ALA C 143 10.08 3.59 -33.06
CA ALA C 143 9.30 3.29 -31.85
C ALA C 143 7.98 2.64 -32.24
N VAL C 144 7.79 1.53 -31.53
CA VAL C 144 6.55 0.77 -31.67
C VAL C 144 5.80 0.81 -30.31
N LEU C 145 4.53 1.29 -30.39
CA LEU C 145 3.69 1.32 -29.20
C LEU C 145 3.06 -0.10 -29.01
N ILE C 146 3.05 -0.48 -27.75
CA ILE C 146 2.60 -1.86 -27.37
C ILE C 146 1.37 -1.78 -26.49
N GLU C 147 0.28 -2.48 -26.89
CA GLU C 147 -0.93 -2.58 -26.01
C GLU C 147 -1.21 -4.04 -25.71
N MET C 148 -1.96 -4.29 -24.65
CA MET C 148 -2.54 -5.65 -24.42
C MET C 148 -3.54 -6.11 -25.50
N GLY C 149 -3.44 -7.38 -25.84
CA GLY C 149 -4.36 -7.96 -26.82
C GLY C 149 -3.93 -9.41 -26.99
N SER C 150 -3.80 -9.80 -28.25
CA SER C 150 -3.38 -11.15 -28.59
C SER C 150 -1.97 -11.48 -28.28
N PHE C 151 -1.72 -12.75 -27.98
CA PHE C 151 -0.38 -13.24 -27.79
C PHE C 151 0.43 -12.97 -29.05
N ASN C 152 1.69 -12.57 -28.86
CA ASN C 152 2.56 -12.27 -29.96
C ASN C 152 3.80 -13.13 -30.01
N PRO C 153 3.79 -14.13 -30.88
CA PRO C 153 4.87 -15.08 -30.97
C PRO C 153 6.24 -14.41 -31.26
N SER C 154 6.25 -13.29 -31.99
CA SER C 154 7.54 -12.56 -32.26
C SER C 154 8.15 -11.89 -31.08
N TYR C 155 7.32 -11.19 -30.26
CA TYR C 155 7.80 -10.68 -29.05
C TYR C 155 8.28 -11.76 -28.12
N ASP C 156 7.61 -12.92 -28.19
CA ASP C 156 8.04 -13.99 -27.32
C ASP C 156 9.44 -14.57 -27.67
N LYS C 157 9.94 -14.25 -28.90
CA LYS C 157 11.33 -14.51 -29.24
C LYS C 157 12.35 -13.79 -28.31
N ILE C 158 11.99 -12.62 -27.76
CA ILE C 158 12.82 -11.99 -26.82
C ILE C 158 12.37 -12.45 -25.44
N PHE C 159 11.05 -12.36 -25.13
CA PHE C 159 10.62 -12.47 -23.73
C PHE C 159 10.95 -13.80 -23.03
N SER C 160 11.09 -14.80 -23.88
CA SER C 160 11.39 -16.18 -23.44
C SER C 160 12.79 -16.32 -22.96
N HIS C 161 13.62 -15.30 -23.12
CA HIS C 161 14.94 -15.31 -22.51
C HIS C 161 15.17 -14.48 -21.31
N LEU C 162 14.14 -13.75 -20.86
CA LEU C 162 14.37 -12.79 -19.79
C LEU C 162 14.83 -13.37 -18.49
N GLN C 163 14.47 -14.64 -18.14
CA GLN C 163 14.93 -15.19 -16.84
C GLN C 163 16.42 -15.50 -16.83
N HIS C 164 17.10 -15.41 -17.97
CA HIS C 164 18.56 -15.52 -18.03
C HIS C 164 19.32 -14.23 -17.85
N VAL C 165 18.59 -13.12 -17.84
CA VAL C 165 19.26 -11.86 -17.55
C VAL C 165 18.52 -11.13 -16.46
N LYS C 166 18.09 -11.84 -15.41
CA LYS C 166 17.25 -11.17 -14.42
C LYS C 166 17.98 -10.12 -13.65
N TYR C 167 19.29 -10.17 -13.63
CA TYR C 167 19.98 -9.25 -12.71
C TYR C 167 20.87 -8.28 -13.50
N LYS C 168 21.16 -7.12 -12.91
CA LYS C 168 22.08 -6.17 -13.53
C LYS C 168 23.40 -6.78 -13.96
N GLY C 169 23.81 -6.46 -15.18
CA GLY C 169 25.08 -6.99 -15.67
C GLY C 169 25.02 -8.31 -16.36
N GLN C 170 23.93 -9.11 -16.16
CA GLN C 170 23.85 -10.38 -16.75
C GLN C 170 23.56 -10.35 -18.22
N GLU C 171 24.11 -11.31 -18.92
CA GLU C 171 23.94 -11.41 -20.37
C GLU C 171 23.53 -12.75 -20.85
N ALA C 172 22.92 -12.80 -21.98
CA ALA C 172 22.52 -14.07 -22.61
C ALA C 172 22.46 -13.91 -24.07
N PHE C 173 22.30 -14.98 -24.78
CA PHE C 173 22.17 -14.94 -26.23
C PHE C 173 20.81 -15.37 -26.67
N VAL C 174 20.30 -14.65 -27.65
CA VAL C 174 19.02 -14.93 -28.32
C VAL C 174 19.31 -15.31 -29.76
N PRO C 175 18.75 -16.43 -30.24
CA PRO C 175 18.90 -16.71 -31.65
C PRO C 175 18.24 -15.70 -32.57
N GLY C 176 18.81 -15.50 -33.73
CA GLY C 176 18.28 -14.62 -34.74
C GLY C 176 16.85 -14.90 -35.06
N PHE C 177 16.12 -13.86 -35.36
CA PHE C 177 14.75 -13.96 -35.95
C PHE C 177 14.51 -12.69 -36.78
N ASN C 178 13.39 -12.65 -37.48
CA ASN C 178 13.08 -11.50 -38.31
C ASN C 178 12.55 -10.31 -37.45
N ILE C 179 13.44 -9.32 -37.27
CA ILE C 179 13.08 -8.21 -36.45
C ILE C 179 11.91 -7.41 -37.03
N GLU C 180 11.67 -7.47 -38.31
CA GLU C 180 10.52 -6.80 -38.88
C GLU C 180 9.18 -7.32 -38.30
N GLU C 181 9.18 -8.56 -37.79
CA GLU C 181 7.95 -9.06 -37.19
C GLU C 181 7.54 -8.29 -35.92
N LEU C 182 8.47 -7.48 -35.36
CA LEU C 182 8.19 -6.66 -34.19
C LEU C 182 7.43 -5.37 -34.55
N LEU C 183 7.38 -5.02 -35.84
CA LEU C 183 6.80 -3.76 -36.29
C LEU C 183 5.29 -3.98 -36.44
N PRO C 184 4.53 -2.94 -36.42
CA PRO C 184 3.08 -3.04 -36.54
C PRO C 184 2.61 -3.11 -37.98
N GLU C 185 1.29 -3.22 -38.14
CA GLU C 185 0.68 -3.06 -39.44
C GLU C 185 0.83 -1.65 -39.96
N ARG C 186 0.82 -1.54 -41.29
N ARG C 186 0.77 -1.53 -41.29
CA ARG C 186 0.92 -0.28 -42.00
CA ARG C 186 0.93 -0.29 -42.03
C ARG C 186 2.06 0.62 -41.50
C ARG C 186 2.06 0.62 -41.50
N THR C 187 3.27 0.08 -41.57
CA THR C 187 4.43 0.88 -41.25
C THR C 187 4.55 2.14 -42.04
N ALA C 188 3.87 2.25 -43.18
CA ALA C 188 3.90 3.52 -43.90
C ALA C 188 3.28 4.65 -43.08
N GLU C 189 2.48 4.38 -42.02
CA GLU C 189 1.79 5.46 -41.26
C GLU C 189 2.62 5.68 -39.97
N TYR C 190 3.20 6.87 -39.89
CA TYR C 190 4.06 7.14 -38.71
C TYR C 190 4.09 8.64 -38.46
N TYR C 191 4.56 8.95 -37.22
CA TYR C 191 4.82 10.28 -36.78
C TYR C 191 6.35 10.46 -36.85
N ARG C 192 6.79 11.68 -37.14
CA ARG C 192 8.23 11.96 -37.25
C ARG C 192 8.55 13.24 -36.57
N TYR C 193 9.60 13.26 -35.78
CA TYR C 193 10.06 14.60 -35.23
C TYR C 193 11.53 14.44 -34.86
N ARG C 194 12.19 15.57 -34.74
CA ARG C 194 13.56 15.59 -34.19
C ARG C 194 13.58 15.72 -32.73
N GLY C 195 14.23 14.79 -32.05
CA GLY C 195 14.26 14.83 -30.62
C GLY C 195 15.55 14.27 -30.05
N SER C 196 15.44 13.60 -28.92
CA SER C 196 16.65 13.21 -28.13
C SER C 196 16.55 11.79 -27.72
N LEU C 197 17.71 11.33 -27.25
CA LEU C 197 17.69 10.13 -26.45
C LEU C 197 16.75 10.36 -25.23
N THR C 198 16.06 9.28 -24.81
CA THR C 198 15.19 9.39 -23.62
C THR C 198 15.87 8.95 -22.32
N THR C 199 17.15 8.62 -22.42
CA THR C 199 17.98 8.25 -21.31
C THR C 199 19.21 9.08 -21.37
N PRO C 200 19.92 9.25 -20.23
CA PRO C 200 21.24 9.91 -20.31
C PRO C 200 22.12 9.28 -21.43
N PRO C 201 22.85 10.06 -22.17
CA PRO C 201 23.08 11.49 -21.94
C PRO C 201 22.10 12.50 -22.51
N CYS C 202 21.01 11.93 -23.06
CA CYS C 202 19.85 12.74 -23.54
C CYS C 202 20.23 13.61 -24.74
N ASN C 203 21.19 13.16 -25.58
CA ASN C 203 21.63 14.01 -26.66
C ASN C 203 20.54 14.28 -27.63
N PRO C 204 20.44 15.51 -28.11
CA PRO C 204 19.33 15.92 -29.06
C PRO C 204 19.71 15.56 -30.48
N THR C 205 19.92 14.25 -30.68
CA THR C 205 20.55 13.79 -31.94
C THR C 205 19.73 12.68 -32.55
N VAL C 206 18.45 12.54 -32.16
CA VAL C 206 17.62 11.44 -32.64
C VAL C 206 16.54 11.91 -33.58
N LEU C 207 16.49 11.30 -34.77
CA LEU C 207 15.30 11.34 -35.64
C LEU C 207 14.34 10.29 -35.22
N TRP C 208 13.21 10.71 -34.68
CA TRP C 208 12.22 9.74 -34.18
C TRP C 208 11.20 9.39 -35.20
N THR C 209 10.87 8.11 -35.28
CA THR C 209 9.80 7.57 -36.13
C THR C 209 8.93 6.77 -35.20
N VAL C 210 7.71 7.20 -34.90
CA VAL C 210 6.84 6.42 -34.03
C VAL C 210 5.71 5.91 -34.88
N PHE C 211 5.58 4.61 -35.00
CA PHE C 211 4.51 4.13 -35.87
C PHE C 211 3.15 4.49 -35.34
N ARG C 212 2.25 4.78 -36.26
CA ARG C 212 0.88 5.17 -35.84
C ARG C 212 0.13 4.06 -35.09
N ASN C 213 0.30 2.83 -35.62
CA ASN C 213 -0.53 1.69 -35.12
C ASN C 213 0.25 0.89 -34.11
N PRO C 214 -0.34 0.53 -32.99
CA PRO C 214 0.33 -0.27 -31.99
C PRO C 214 0.37 -1.76 -32.37
N VAL C 215 1.28 -2.49 -31.69
CA VAL C 215 1.21 -3.95 -31.73
C VAL C 215 0.51 -4.38 -30.44
N GLN C 216 0.03 -5.65 -30.44
CA GLN C 216 -0.48 -6.26 -29.22
C GLN C 216 0.37 -7.37 -28.70
N ILE C 217 0.46 -7.48 -27.39
CA ILE C 217 1.05 -8.63 -26.74
C ILE C 217 0.00 -9.12 -25.70
N SER C 218 0.02 -10.39 -25.28
CA SER C 218 -1.03 -10.81 -24.34
C SER C 218 -0.81 -10.19 -23.00
N GLN C 219 -1.90 -10.22 -22.17
CA GLN C 219 -1.71 -9.85 -20.75
C GLN C 219 -0.62 -10.66 -20.06
N GLU C 220 -0.54 -11.96 -20.38
CA GLU C 220 0.51 -12.76 -19.79
C GLU C 220 1.93 -12.34 -20.22
N GLN C 221 2.12 -12.01 -21.50
CA GLN C 221 3.44 -11.48 -21.99
C GLN C 221 3.84 -10.17 -21.30
N LEU C 222 2.80 -9.30 -21.13
CA LEU C 222 3.01 -8.00 -20.44
C LEU C 222 3.42 -8.11 -19.01
N LEU C 223 2.68 -9.00 -18.27
CA LEU C 223 2.99 -9.28 -16.89
C LEU C 223 4.34 -9.92 -16.73
N ALA C 224 4.64 -10.82 -17.65
CA ALA C 224 5.96 -11.45 -17.68
C ALA C 224 7.07 -10.39 -17.83
N LEU C 225 6.90 -9.45 -18.77
CA LEU C 225 7.95 -8.40 -18.94
C LEU C 225 8.08 -7.52 -17.73
N GLU C 226 6.93 -7.10 -17.19
CA GLU C 226 6.92 -6.27 -15.99
C GLU C 226 7.48 -6.90 -14.71
N THR C 227 7.48 -8.23 -14.70
CA THR C 227 7.89 -8.99 -13.53
C THR C 227 9.21 -9.73 -13.60
N ALA C 228 9.83 -9.70 -14.77
CA ALA C 228 10.98 -10.61 -14.99
C ALA C 228 12.29 -10.13 -14.46
N LEU C 229 12.53 -8.81 -14.38
CA LEU C 229 13.86 -8.24 -14.21
C LEU C 229 14.06 -7.40 -13.03
N TYR C 230 15.30 -7.41 -12.60
CA TYR C 230 15.68 -6.60 -11.50
C TYR C 230 16.66 -5.66 -12.06
N CYS C 231 16.75 -4.50 -11.41
N CYS C 231 16.82 -4.53 -11.37
CA CYS C 231 17.73 -3.56 -11.82
CA CYS C 231 17.79 -3.55 -11.80
C CYS C 231 19.06 -3.98 -11.24
C CYS C 231 19.04 -3.55 -10.92
N THR C 232 19.03 -4.46 -9.97
CA THR C 232 20.19 -4.61 -9.09
C THR C 232 21.00 -5.86 -9.43
N HIS C 233 22.24 -5.96 -8.91
CA HIS C 233 23.05 -7.18 -9.15
C HIS C 233 22.53 -8.36 -8.40
N MET C 234 22.86 -9.56 -8.92
CA MET C 234 22.37 -10.85 -8.45
C MET C 234 22.31 -11.14 -6.95
N ASP C 235 23.29 -10.60 -6.23
CA ASP C 235 23.48 -10.93 -4.83
C ASP C 235 23.32 -9.68 -3.96
N ASP C 236 22.82 -8.59 -4.56
CA ASP C 236 22.34 -7.45 -3.78
C ASP C 236 21.25 -7.94 -2.83
N PRO C 237 21.45 -7.72 -1.50
CA PRO C 237 20.49 -8.12 -0.44
C PRO C 237 19.26 -7.15 -0.31
N SER C 238 19.23 -6.11 -1.16
CA SER C 238 18.06 -5.24 -1.33
C SER C 238 17.71 -5.15 -2.83
N PRO C 239 17.15 -6.22 -3.40
CA PRO C 239 16.80 -6.21 -4.83
C PRO C 239 15.72 -5.21 -5.15
N ARG C 240 15.84 -4.64 -6.33
CA ARG C 240 14.84 -3.69 -6.83
C ARG C 240 14.34 -4.25 -8.18
N GLU C 241 13.03 -4.33 -8.33
CA GLU C 241 12.41 -4.72 -9.60
C GLU C 241 12.66 -3.69 -10.71
N MET C 242 12.87 -4.16 -11.93
CA MET C 242 13.01 -3.20 -13.05
C MET C 242 11.61 -2.95 -13.64
N ILE C 243 11.06 -1.81 -13.23
CA ILE C 243 9.73 -1.43 -13.58
C ILE C 243 9.80 0.10 -13.82
N ASN C 244 8.76 0.56 -14.48
CA ASN C 244 8.55 2.04 -14.70
C ASN C 244 9.79 2.72 -15.33
N ASN C 245 10.39 1.98 -16.30
CA ASN C 245 11.66 2.44 -16.83
C ASN C 245 11.48 3.27 -18.11
N PHE C 246 10.73 4.32 -17.91
CA PHE C 246 10.33 5.21 -19.00
C PHE C 246 10.53 6.60 -18.46
N ARG C 247 10.84 7.57 -19.35
CA ARG C 247 10.95 8.99 -18.96
C ARG C 247 9.59 9.64 -19.11
N GLN C 248 9.28 10.59 -18.21
CA GLN C 248 8.01 11.35 -18.36
C GLN C 248 8.07 12.22 -19.64
N VAL C 249 6.92 12.53 -20.21
CA VAL C 249 6.87 13.37 -21.39
C VAL C 249 7.45 14.77 -21.11
N GLN C 250 8.05 15.31 -22.11
CA GLN C 250 8.71 16.64 -22.05
C GLN C 250 7.81 17.70 -22.65
N LYS C 251 7.99 18.91 -22.16
CA LYS C 251 7.32 20.03 -22.88
C LYS C 251 7.75 20.07 -24.36
N PHE C 252 6.77 20.41 -25.20
CA PHE C 252 7.04 20.49 -26.67
C PHE C 252 6.16 21.61 -27.16
N ASP C 253 6.75 22.76 -27.21
CA ASP C 253 6.03 24.01 -27.45
C ASP C 253 6.43 24.71 -28.75
N GLU C 254 5.43 25.20 -29.47
CA GLU C 254 5.71 25.91 -30.74
C GLU C 254 6.46 25.01 -31.70
N ARG C 255 6.13 23.71 -31.65
CA ARG C 255 6.74 22.77 -32.57
C ARG C 255 5.66 21.84 -33.16
N LEU C 256 6.00 21.23 -34.29
CA LEU C 256 5.12 20.27 -34.89
C LEU C 256 5.72 18.83 -34.91
N VAL C 257 4.81 17.88 -34.99
CA VAL C 257 5.17 16.52 -35.28
C VAL C 257 4.58 16.25 -36.66
N TYR C 258 5.41 15.79 -37.55
CA TYR C 258 5.06 15.55 -38.95
C TYR C 258 4.50 14.19 -39.11
N THR C 259 3.46 14.03 -39.93
CA THR C 259 2.90 12.70 -40.05
C THR C 259 2.90 12.27 -41.52
N SER C 260 3.01 10.99 -41.73
CA SER C 260 3.07 10.47 -43.10
C SER C 260 1.65 10.20 -43.56
N PHE C 261 0.68 10.45 -42.69
CA PHE C 261 -0.73 10.14 -42.97
C PHE C 261 -1.51 11.41 -42.85
N SER C 262 -2.58 11.50 -43.67
CA SER C 262 -3.53 12.64 -43.61
C SER C 262 -4.64 12.37 -42.62
N LYS D 3 16.75 32.44 -10.19
CA LYS D 3 16.49 32.57 -11.63
C LYS D 3 16.03 31.23 -12.30
N TRP D 4 15.50 30.27 -11.48
CA TRP D 4 14.80 29.12 -12.11
C TRP D 4 13.63 29.64 -12.92
N THR D 5 13.32 28.85 -13.94
CA THR D 5 12.26 29.24 -14.89
C THR D 5 11.45 28.01 -15.24
N TYR D 6 10.45 28.14 -16.12
CA TYR D 6 9.78 27.02 -16.70
C TYR D 6 10.13 26.71 -18.13
N PHE D 7 11.14 27.38 -18.65
CA PHE D 7 11.50 27.26 -20.06
C PHE D 7 12.99 27.53 -20.22
N GLY D 8 13.65 26.67 -20.99
CA GLY D 8 15.03 26.99 -21.36
C GLY D 8 15.99 26.34 -20.41
N PRO D 9 17.23 26.84 -20.39
CA PRO D 9 18.25 26.12 -19.67
C PRO D 9 18.06 26.03 -18.17
N ASP D 10 17.25 26.94 -17.56
CA ASP D 10 16.98 26.92 -16.13
C ASP D 10 15.57 26.39 -15.81
N GLY D 11 15.04 25.69 -16.78
CA GLY D 11 13.69 25.14 -16.64
C GLY D 11 13.70 23.86 -15.83
N GLU D 12 12.56 23.16 -15.80
CA GLU D 12 12.30 22.21 -14.75
C GLU D 12 13.23 20.99 -14.66
N ASN D 13 13.82 20.61 -15.80
CA ASN D 13 14.72 19.46 -15.69
C ASN D 13 16.06 19.90 -15.06
N SER D 14 16.23 21.16 -14.83
CA SER D 14 17.46 21.72 -14.18
C SER D 14 17.22 22.14 -12.79
N TRP D 15 16.01 22.16 -12.25
CA TRP D 15 15.81 22.74 -10.95
C TRP D 15 16.61 21.95 -9.91
N SER D 16 16.76 20.67 -10.05
N SER D 16 16.78 20.65 -10.08
CA SER D 16 17.37 19.84 -8.98
CA SER D 16 17.42 19.78 -9.04
C SER D 16 18.84 20.24 -8.82
C SER D 16 18.91 20.07 -8.93
N LYS D 17 19.43 20.89 -9.83
CA LYS D 17 20.87 21.26 -9.71
C LYS D 17 20.97 22.22 -8.53
N LYS D 18 20.02 23.07 -8.24
CA LYS D 18 20.11 24.01 -7.11
C LYS D 18 19.18 23.63 -5.99
N TYR D 19 18.17 22.83 -6.21
CA TYR D 19 17.14 22.59 -5.25
C TYR D 19 17.00 21.09 -5.16
N PRO D 20 17.71 20.40 -4.28
CA PRO D 20 17.77 18.98 -4.32
C PRO D 20 16.43 18.26 -4.19
N SER D 21 15.49 18.86 -3.44
CA SER D 21 14.22 18.15 -3.29
C SER D 21 13.50 18.06 -4.61
N CYS D 22 13.80 18.87 -5.64
CA CYS D 22 13.12 18.71 -6.90
C CYS D 22 13.50 17.45 -7.57
N GLY D 23 14.57 16.76 -7.12
CA GLY D 23 14.97 15.45 -7.61
C GLY D 23 14.74 14.35 -6.62
N GLY D 24 13.96 14.67 -5.61
CA GLY D 24 13.66 13.74 -4.44
C GLY D 24 12.36 13.01 -4.64
N LEU D 25 11.90 12.36 -3.61
CA LEU D 25 10.68 11.61 -3.78
C LEU D 25 9.43 12.55 -3.56
N LEU D 26 8.28 11.94 -3.80
CA LEU D 26 6.98 12.51 -3.51
C LEU D 26 6.69 13.79 -4.21
N GLN D 27 7.13 13.87 -5.44
CA GLN D 27 6.94 15.15 -6.13
C GLN D 27 5.57 15.29 -6.77
N SER D 28 5.18 16.54 -6.93
CA SER D 28 3.89 16.89 -7.57
C SER D 28 4.20 17.78 -8.73
N PRO D 29 3.29 17.93 -9.69
CA PRO D 29 1.94 17.31 -9.74
C PRO D 29 2.00 15.94 -10.33
N ILE D 30 0.84 15.34 -10.44
CA ILE D 30 0.71 13.97 -10.92
C ILE D 30 -0.53 13.88 -11.82
N ASP D 31 -0.54 12.79 -12.57
CA ASP D 31 -1.69 12.50 -13.42
C ASP D 31 -2.67 11.63 -12.61
N LEU D 32 -3.86 12.09 -12.50
CA LEU D 32 -4.89 11.37 -11.69
C LEU D 32 -5.61 10.39 -12.63
N HIS D 33 -5.33 9.09 -12.49
CA HIS D 33 -5.98 8.14 -13.41
C HIS D 33 -6.35 6.91 -12.63
N SER D 34 -7.27 6.12 -13.23
CA SER D 34 -7.96 5.05 -12.47
C SER D 34 -7.08 4.06 -11.77
N ASP D 35 -6.00 3.64 -12.38
CA ASP D 35 -5.17 2.59 -11.78
C ASP D 35 -4.57 2.91 -10.46
N ILE D 36 -4.46 4.22 -10.14
CA ILE D 36 -3.80 4.63 -8.89
C ILE D 36 -4.76 5.26 -7.91
N LEU D 37 -6.05 5.21 -8.26
CA LEU D 37 -7.08 5.76 -7.32
C LEU D 37 -7.56 4.73 -6.36
N GLN D 38 -7.83 5.16 -5.11
CA GLN D 38 -8.43 4.20 -4.18
C GLN D 38 -9.35 4.95 -3.26
N TYR D 39 -10.61 4.52 -3.18
CA TYR D 39 -11.58 5.14 -2.28
C TYR D 39 -11.16 4.95 -0.85
N ASP D 40 -11.32 6.02 -0.07
CA ASP D 40 -10.95 5.97 1.36
C ASP D 40 -12.14 6.66 2.02
N ALA D 41 -12.86 5.85 2.88
CA ALA D 41 -13.98 6.40 3.66
C ALA D 41 -13.57 7.33 4.80
N SER D 42 -12.26 7.42 5.07
CA SER D 42 -11.77 8.36 6.09
C SER D 42 -11.76 9.78 5.55
N LEU D 43 -11.98 9.96 4.24
CA LEU D 43 -11.90 11.32 3.63
C LEU D 43 -13.21 11.99 3.71
N THR D 44 -13.42 12.70 4.85
CA THR D 44 -14.69 13.38 5.08
C THR D 44 -14.59 14.83 4.60
N PRO D 45 -15.67 15.54 4.57
CA PRO D 45 -15.70 16.84 3.90
C PRO D 45 -14.87 17.90 4.61
N LEU D 46 -14.07 18.65 3.86
CA LEU D 46 -13.39 19.81 4.44
C LEU D 46 -14.38 20.89 4.78
N GLU D 47 -14.02 21.67 5.81
CA GLU D 47 -14.79 22.82 6.06
C GLU D 47 -13.92 24.09 5.85
N PHE D 48 -14.49 25.06 5.22
CA PHE D 48 -13.72 26.25 4.72
C PHE D 48 -14.14 27.33 5.62
N GLN D 49 -13.30 27.72 6.59
CA GLN D 49 -13.70 28.65 7.65
C GLN D 49 -13.00 29.99 7.41
N GLY D 50 -13.73 31.09 7.48
CA GLY D 50 -13.14 32.40 7.34
C GLY D 50 -12.79 32.75 5.88
N TYR D 51 -13.37 31.95 4.97
CA TYR D 51 -13.16 32.25 3.52
C TYR D 51 -13.95 33.46 2.99
N ASN D 52 -15.00 33.91 3.75
CA ASN D 52 -15.75 35.05 3.26
C ASN D 52 -15.11 36.39 3.65
N LEU D 53 -14.19 36.86 2.83
CA LEU D 53 -13.43 38.05 3.21
C LEU D 53 -14.24 39.31 2.99
N SER D 54 -14.13 40.23 3.94
CA SER D 54 -14.88 41.43 3.83
C SER D 54 -14.56 42.31 2.62
N ALA D 55 -15.59 42.78 1.95
CA ALA D 55 -15.33 43.66 0.82
C ALA D 55 -14.80 45.03 1.17
N ASN D 56 -14.77 45.33 2.47
CA ASN D 56 -14.16 46.61 2.95
C ASN D 56 -12.78 46.44 3.43
N LYS D 57 -12.24 45.25 3.31
CA LYS D 57 -10.82 44.94 3.59
C LYS D 57 -10.15 44.67 2.22
N GLN D 58 -8.84 44.80 2.22
CA GLN D 58 -8.14 44.57 0.94
C GLN D 58 -6.94 43.70 1.18
N PHE D 59 -6.65 42.95 0.14
CA PHE D 59 -5.61 41.90 0.15
C PHE D 59 -4.65 42.15 -0.96
N LEU D 60 -3.40 41.91 -0.67
CA LEU D 60 -2.34 42.27 -1.61
C LEU D 60 -2.13 41.23 -2.67
N LEU D 61 -2.19 41.63 -3.90
CA LEU D 61 -1.81 40.83 -5.09
C LEU D 61 -0.40 41.22 -5.50
N THR D 62 0.48 40.24 -5.70
CA THR D 62 1.92 40.54 -5.96
C THR D 62 2.33 39.65 -7.15
N ASN D 63 3.15 40.17 -8.05
CA ASN D 63 3.94 39.37 -9.01
C ASN D 63 5.34 39.24 -8.44
N ASN D 64 5.77 38.00 -8.07
CA ASN D 64 7.13 37.82 -7.51
C ASN D 64 8.06 37.28 -8.58
N GLY D 65 7.57 37.27 -9.83
CA GLY D 65 8.47 36.84 -10.92
C GLY D 65 8.31 35.42 -11.37
N HIS D 66 7.61 34.60 -10.60
CA HIS D 66 7.51 33.19 -10.91
C HIS D 66 6.08 32.90 -10.98
N SER D 67 5.39 33.71 -10.11
CA SER D 67 3.95 33.67 -10.22
C SER D 67 3.27 35.01 -9.67
N VAL D 68 1.96 35.03 -9.87
CA VAL D 68 1.13 36.13 -9.25
C VAL D 68 0.29 35.49 -8.07
N LYS D 69 0.47 36.08 -6.91
CA LYS D 69 -0.22 35.54 -5.69
C LYS D 69 -1.06 36.59 -5.06
N LEU D 70 -2.13 36.13 -4.41
CA LEU D 70 -2.97 36.95 -3.57
C LEU D 70 -2.73 36.50 -2.14
N ASN D 71 -2.31 37.45 -1.30
CA ASN D 71 -2.14 37.13 0.13
C ASN D 71 -3.42 36.94 0.80
N LEU D 72 -3.49 35.98 1.70
CA LEU D 72 -4.70 35.62 2.41
C LEU D 72 -4.43 35.72 3.91
N PRO D 73 -5.45 35.98 4.69
CA PRO D 73 -5.29 36.16 6.18
C PRO D 73 -5.29 34.82 6.89
N SER D 74 -4.49 34.71 7.95
CA SER D 74 -4.36 33.46 8.64
C SER D 74 -5.63 33.04 9.43
N ASP D 75 -6.57 33.97 9.59
CA ASP D 75 -7.85 33.63 10.16
C ASP D 75 -8.67 32.68 9.23
N MET D 76 -8.31 32.67 7.95
CA MET D 76 -8.96 31.77 7.00
C MET D 76 -8.30 30.43 7.14
N HIS D 77 -9.11 29.35 7.29
CA HIS D 77 -8.53 28.05 7.53
C HIS D 77 -9.28 26.91 7.10
N ILE D 78 -8.67 25.75 7.01
CA ILE D 78 -9.44 24.62 6.75
C ILE D 78 -9.49 23.76 7.98
N GLN D 79 -10.64 23.13 8.12
CA GLN D 79 -10.87 22.08 9.13
C GLN D 79 -11.18 20.78 8.51
N GLY D 80 -10.71 19.69 9.13
CA GLY D 80 -10.99 18.38 8.55
C GLY D 80 -9.77 17.54 8.25
N LEU D 81 -8.58 18.11 8.45
CA LEU D 81 -7.35 17.36 8.31
C LEU D 81 -6.80 17.06 9.69
N GLN D 82 -5.59 16.53 9.77
CA GLN D 82 -4.99 16.11 11.09
C GLN D 82 -4.58 17.24 11.98
N SER D 83 -4.48 18.43 11.40
CA SER D 83 -4.19 19.68 12.13
C SER D 83 -4.95 20.82 11.47
N ARG D 84 -5.07 21.97 12.11
N ARG D 84 -5.06 21.97 12.13
CA ARG D 84 -5.63 23.14 11.43
CA ARG D 84 -5.54 23.22 11.49
C ARG D 84 -4.59 23.76 10.50
C ARG D 84 -4.51 23.64 10.46
N TYR D 85 -5.01 23.99 9.26
CA TYR D 85 -4.17 24.65 8.26
C TYR D 85 -4.75 25.98 8.00
N SER D 86 -3.93 27.00 8.11
CA SER D 86 -4.36 28.36 7.92
C SER D 86 -3.89 28.87 6.56
N ALA D 87 -4.77 29.65 5.93
CA ALA D 87 -4.40 30.15 4.58
C ALA D 87 -3.25 31.09 4.61
N THR D 88 -2.49 31.07 3.52
CA THR D 88 -1.39 32.05 3.30
C THR D 88 -1.48 32.80 1.99
N GLN D 89 -1.82 32.08 0.89
CA GLN D 89 -1.93 32.78 -0.40
C GLN D 89 -2.65 31.90 -1.39
N LEU D 90 -3.12 32.49 -2.46
CA LEU D 90 -3.53 31.65 -3.58
C LEU D 90 -2.82 32.19 -4.85
N HIS D 91 -2.75 31.33 -5.88
CA HIS D 91 -2.12 31.66 -7.12
C HIS D 91 -2.64 30.69 -8.17
N LEU D 92 -2.21 30.94 -9.41
CA LEU D 92 -2.65 30.11 -10.51
C LEU D 92 -1.48 29.67 -11.37
N HIS D 93 -1.82 28.64 -12.17
CA HIS D 93 -0.89 28.14 -13.24
C HIS D 93 -1.65 28.05 -14.52
N TRP D 94 -0.96 28.37 -15.63
CA TRP D 94 -1.66 28.43 -16.99
C TRP D 94 -0.70 28.15 -18.07
N GLY D 95 -1.26 28.09 -19.27
CA GLY D 95 -0.48 27.72 -20.51
C GLY D 95 -0.21 29.01 -21.29
N ASN D 96 -0.70 29.07 -22.54
CA ASN D 96 -0.42 30.28 -23.32
C ASN D 96 -1.48 30.29 -24.40
N PRO D 97 -1.56 31.43 -25.15
CA PRO D 97 -2.69 31.58 -26.09
C PRO D 97 -2.78 30.47 -27.16
N ASN D 98 -1.60 29.93 -27.53
CA ASN D 98 -1.51 28.86 -28.51
C ASN D 98 -1.73 27.44 -27.95
N ASP D 99 -1.69 27.31 -26.63
CA ASP D 99 -1.88 26.01 -25.99
C ASP D 99 -2.49 26.32 -24.60
N PRO D 100 -3.78 26.56 -24.51
CA PRO D 100 -4.47 26.98 -23.28
C PRO D 100 -4.76 25.71 -22.46
N HIS D 101 -3.68 24.99 -22.13
CA HIS D 101 -3.76 23.72 -21.42
C HIS D 101 -2.69 23.60 -20.39
N GLY D 102 -2.77 24.45 -19.38
CA GLY D 102 -1.67 24.63 -18.46
C GLY D 102 -1.96 24.28 -17.01
N SER D 103 -2.95 23.42 -16.77
CA SER D 103 -3.09 22.87 -15.40
C SER D 103 -1.84 22.11 -15.01
N GLU D 104 -1.57 22.02 -13.71
CA GLU D 104 -0.52 21.10 -13.27
C GLU D 104 -0.91 19.66 -13.13
N HIS D 105 -1.93 19.41 -12.35
CA HIS D 105 -2.54 18.07 -12.36
C HIS D 105 -3.25 17.86 -13.64
N THR D 106 -3.19 16.61 -14.05
CA THR D 106 -3.97 16.14 -15.20
C THR D 106 -4.94 15.04 -14.73
N VAL D 107 -6.00 14.79 -15.55
CA VAL D 107 -6.98 13.74 -15.18
C VAL D 107 -7.08 12.88 -16.40
N SER D 108 -6.77 11.64 -16.15
CA SER D 108 -6.74 10.63 -17.29
C SER D 108 -5.98 11.16 -18.45
N GLY D 109 -4.82 11.73 -18.13
CA GLY D 109 -3.93 12.22 -19.18
C GLY D 109 -4.21 13.57 -19.81
N GLN D 110 -5.23 14.24 -19.36
N GLN D 110 -5.26 14.23 -19.34
CA GLN D 110 -5.60 15.47 -20.00
CA GLN D 110 -5.82 15.43 -19.96
C GLN D 110 -5.39 16.62 -19.05
C GLN D 110 -5.45 16.63 -19.05
N HIS D 111 -4.76 17.65 -19.57
CA HIS D 111 -4.70 18.93 -18.89
C HIS D 111 -6.00 19.63 -18.95
N PHE D 112 -6.23 20.45 -17.94
CA PHE D 112 -7.25 21.42 -17.96
C PHE D 112 -6.60 22.78 -18.39
N ALA D 113 -7.43 23.78 -18.61
CA ALA D 113 -6.90 25.01 -19.09
C ALA D 113 -5.91 25.67 -18.09
N ALA D 114 -6.31 25.68 -16.83
CA ALA D 114 -5.50 26.37 -15.78
C ALA D 114 -5.82 25.65 -14.49
N GLU D 115 -5.15 26.12 -13.42
CA GLU D 115 -5.39 25.50 -12.08
C GLU D 115 -5.16 26.60 -11.04
N LEU D 116 -6.01 26.62 -10.04
CA LEU D 116 -5.91 27.50 -8.84
C LEU D 116 -5.46 26.73 -7.69
N HIS D 117 -4.42 27.27 -7.00
CA HIS D 117 -3.95 26.66 -5.77
C HIS D 117 -4.16 27.62 -4.57
N ILE D 118 -4.83 27.12 -3.55
CA ILE D 118 -4.93 27.90 -2.25
C ILE D 118 -4.08 27.26 -1.26
N VAL D 119 -2.99 27.96 -0.91
CA VAL D 119 -1.94 27.38 -0.07
C VAL D 119 -2.27 27.69 1.41
N HIS D 120 -2.17 26.64 2.22
CA HIS D 120 -2.32 26.76 3.68
C HIS D 120 -1.14 26.10 4.34
N TYR D 121 -0.88 26.60 5.57
CA TYR D 121 0.23 26.03 6.36
C TYR D 121 -0.28 25.51 7.71
N ASN D 122 0.53 24.66 8.29
CA ASN D 122 0.15 23.96 9.54
C ASN D 122 0.41 24.90 10.74
N SER D 123 -0.61 25.65 11.11
CA SER D 123 -0.45 26.64 12.17
C SER D 123 -0.54 26.02 13.55
N ASP D 124 -0.84 24.73 13.66
CA ASP D 124 -0.73 24.02 14.95
C ASP D 124 0.75 23.75 15.23
N LEU D 125 1.60 23.66 14.23
CA LEU D 125 3.01 23.27 14.38
C LEU D 125 3.94 24.43 14.15
N TYR D 126 3.58 25.37 13.30
CA TYR D 126 4.50 26.34 12.76
C TYR D 126 3.95 27.74 12.85
N PRO D 127 4.89 28.74 13.01
CA PRO D 127 4.43 30.12 13.32
C PRO D 127 4.07 30.84 12.09
N ASP D 128 4.47 30.34 10.94
CA ASP D 128 4.25 30.97 9.66
C ASP D 128 4.54 30.05 8.48
N ALA D 129 4.05 30.41 7.28
CA ALA D 129 4.14 29.56 6.20
C ALA D 129 5.55 29.26 5.67
N SER D 130 6.40 30.31 5.77
N SER D 130 6.43 30.29 5.70
CA SER D 130 7.81 30.20 5.38
CA SER D 130 7.78 30.03 5.18
C SER D 130 8.41 29.03 6.18
C SER D 130 8.53 29.06 6.17
N THR D 131 8.30 29.17 7.49
CA THR D 131 8.89 28.17 8.41
C THR D 131 8.32 26.78 8.15
N ALA D 132 6.99 26.73 7.90
CA ALA D 132 6.37 25.47 7.65
C ALA D 132 6.77 24.74 6.36
N SER D 133 7.11 25.57 5.37
CA SER D 133 7.26 25.04 4.03
C SER D 133 8.25 23.91 3.78
N ASN D 134 9.31 23.85 4.64
CA ASN D 134 10.26 22.75 4.54
C ASN D 134 10.24 21.79 5.61
N LYS D 135 9.12 21.73 6.29
CA LYS D 135 9.01 20.89 7.51
C LYS D 135 7.87 19.93 7.46
N SER D 136 7.95 18.90 8.29
N SER D 136 7.95 18.90 8.30
CA SER D 136 7.00 17.81 8.21
CA SER D 136 6.94 17.85 8.41
C SER D 136 5.58 18.32 8.40
C SER D 136 5.52 18.35 8.45
N GLU D 137 4.67 17.81 7.56
CA GLU D 137 3.25 18.16 7.61
C GLU D 137 3.03 19.64 7.43
N GLY D 138 3.95 20.36 6.78
CA GLY D 138 3.88 21.78 6.83
C GLY D 138 2.76 22.47 6.05
N LEU D 139 2.40 21.90 4.91
CA LEU D 139 1.47 22.67 4.00
C LEU D 139 0.30 21.78 3.51
N ALA D 140 -0.81 22.46 3.22
CA ALA D 140 -1.95 21.76 2.56
C ALA D 140 -2.35 22.71 1.49
N VAL D 141 -2.44 22.21 0.25
CA VAL D 141 -2.90 23.01 -0.87
C VAL D 141 -4.24 22.48 -1.39
N LEU D 142 -5.15 23.39 -1.69
CA LEU D 142 -6.39 23.02 -2.38
C LEU D 142 -6.23 23.42 -3.83
N ALA D 143 -6.48 22.46 -4.71
CA ALA D 143 -6.36 22.66 -6.16
C ALA D 143 -7.71 22.57 -6.85
N VAL D 144 -7.98 23.60 -7.58
CA VAL D 144 -9.21 23.70 -8.43
C VAL D 144 -8.77 23.71 -9.87
N LEU D 145 -9.29 22.70 -10.61
CA LEU D 145 -9.01 22.57 -12.06
C LEU D 145 -9.95 23.54 -12.80
N ILE D 146 -9.41 24.23 -13.76
CA ILE D 146 -10.12 25.29 -14.46
C ILE D 146 -10.25 24.97 -15.92
N GLU D 147 -11.49 25.03 -16.44
N GLU D 147 -11.47 24.83 -16.44
CA GLU D 147 -11.82 24.65 -17.84
CA GLU D 147 -11.60 24.57 -17.91
C GLU D 147 -12.20 25.93 -18.57
C GLU D 147 -12.20 25.78 -18.58
N MET D 148 -11.90 25.97 -19.88
CA MET D 148 -12.49 27.02 -20.67
C MET D 148 -13.98 26.84 -20.80
N GLY D 149 -14.73 27.87 -20.45
CA GLY D 149 -16.22 27.78 -20.49
C GLY D 149 -16.85 29.17 -20.36
N SER D 150 -17.83 29.26 -19.46
CA SER D 150 -18.51 30.55 -19.21
C SER D 150 -17.67 31.54 -18.40
N PHE D 151 -17.93 32.81 -18.68
CA PHE D 151 -17.36 33.89 -17.84
C PHE D 151 -17.63 33.63 -16.40
N ASN D 152 -16.57 33.86 -15.59
CA ASN D 152 -16.71 33.58 -14.19
C ASN D 152 -16.48 34.91 -13.40
N PRO D 153 -17.52 35.50 -12.89
CA PRO D 153 -17.40 36.82 -12.20
C PRO D 153 -16.56 36.77 -10.91
N SER D 154 -16.52 35.60 -10.30
CA SER D 154 -15.72 35.51 -9.04
C SER D 154 -14.24 35.48 -9.36
N TYR D 155 -13.78 34.68 -10.34
CA TYR D 155 -12.38 34.73 -10.74
C TYR D 155 -12.08 36.09 -11.28
N ASP D 156 -13.01 36.82 -11.90
CA ASP D 156 -12.68 38.11 -12.40
C ASP D 156 -12.39 39.15 -11.27
N LYS D 157 -12.81 38.84 -10.02
CA LYS D 157 -12.47 39.79 -8.91
C LYS D 157 -10.93 39.73 -8.80
N ILE D 158 -10.23 38.66 -9.18
CA ILE D 158 -8.79 38.70 -9.22
C ILE D 158 -8.27 39.19 -10.52
N PHE D 159 -8.85 38.67 -11.64
CA PHE D 159 -8.22 38.93 -12.92
C PHE D 159 -8.32 40.39 -13.37
N SER D 160 -9.32 41.11 -12.89
CA SER D 160 -9.43 42.52 -13.22
C SER D 160 -8.28 43.39 -12.76
N HIS D 161 -7.45 42.89 -11.87
CA HIS D 161 -6.30 43.62 -11.33
C HIS D 161 -4.98 43.21 -11.96
N LEU D 162 -4.99 42.28 -12.91
CA LEU D 162 -3.68 41.72 -13.39
C LEU D 162 -2.89 42.79 -14.11
N GLN D 163 -3.55 43.74 -14.74
CA GLN D 163 -2.78 44.79 -15.44
C GLN D 163 -1.95 45.68 -14.49
N HIS D 164 -2.23 45.63 -13.21
CA HIS D 164 -1.46 46.39 -12.22
C HIS D 164 -0.33 45.67 -11.53
N VAL D 165 -0.18 44.38 -11.90
CA VAL D 165 0.89 43.55 -11.40
C VAL D 165 1.62 42.89 -12.57
N LYS D 166 1.69 43.58 -13.68
N LYS D 166 1.69 43.64 -13.64
CA LYS D 166 2.31 43.00 -14.88
CA LYS D 166 2.27 43.17 -14.87
C LYS D 166 3.76 42.54 -14.64
C LYS D 166 3.72 42.68 -14.75
N TYR D 167 4.58 43.29 -13.90
CA TYR D 167 5.98 42.99 -13.80
C TYR D 167 6.43 42.57 -12.47
N LYS D 168 7.53 41.81 -12.42
CA LYS D 168 8.08 41.38 -11.14
C LYS D 168 8.16 42.53 -10.18
N GLY D 169 7.70 42.27 -8.94
CA GLY D 169 7.72 43.19 -7.84
C GLY D 169 6.57 44.18 -7.70
N GLN D 170 5.70 44.22 -8.71
CA GLN D 170 4.53 45.07 -8.70
C GLN D 170 3.43 44.45 -7.83
N GLU D 171 2.59 45.29 -7.25
CA GLU D 171 1.62 44.85 -6.24
C GLU D 171 0.39 45.71 -6.45
N ALA D 172 -0.78 45.20 -6.08
CA ALA D 172 -2.06 45.88 -6.22
C ALA D 172 -2.92 45.33 -5.11
N PHE D 173 -3.87 46.14 -4.64
CA PHE D 173 -4.82 45.65 -3.64
C PHE D 173 -6.10 45.20 -4.28
N VAL D 174 -6.58 44.06 -3.79
CA VAL D 174 -7.84 43.44 -4.24
C VAL D 174 -8.81 43.51 -3.06
N PRO D 175 -10.03 44.08 -3.23
CA PRO D 175 -11.01 44.08 -2.16
C PRO D 175 -11.41 42.63 -1.85
N GLY D 176 -11.73 42.32 -0.59
CA GLY D 176 -12.13 41.01 -0.19
C GLY D 176 -13.43 40.55 -0.90
N PHE D 177 -13.47 39.25 -1.04
CA PHE D 177 -14.66 38.61 -1.52
C PHE D 177 -14.60 37.21 -0.93
N ASN D 178 -15.71 36.50 -1.15
CA ASN D 178 -15.82 35.16 -0.62
C ASN D 178 -15.01 34.20 -1.50
N ILE D 179 -13.93 33.70 -0.99
CA ILE D 179 -13.00 32.83 -1.69
C ILE D 179 -13.63 31.47 -1.95
N GLU D 180 -14.67 31.09 -1.21
CA GLU D 180 -15.36 29.86 -1.53
C GLU D 180 -16.02 29.97 -2.95
N GLU D 181 -16.26 31.16 -3.43
CA GLU D 181 -16.83 31.30 -4.77
C GLU D 181 -15.86 30.85 -5.84
N LEU D 182 -14.58 30.64 -5.51
CA LEU D 182 -13.65 30.07 -6.47
C LEU D 182 -13.64 28.57 -6.48
N LEU D 183 -14.27 27.92 -5.54
CA LEU D 183 -14.29 26.49 -5.45
C LEU D 183 -15.42 25.93 -6.31
N PRO D 184 -15.25 24.66 -6.73
CA PRO D 184 -16.26 23.98 -7.60
C PRO D 184 -17.42 23.45 -6.82
N GLU D 185 -18.33 22.89 -7.64
CA GLU D 185 -19.48 22.18 -7.10
C GLU D 185 -19.00 20.96 -6.36
N ARG D 186 -19.73 20.55 -5.32
CA ARG D 186 -19.51 19.25 -4.66
C ARG D 186 -18.09 19.13 -4.14
N THR D 187 -17.74 20.08 -3.31
CA THR D 187 -16.38 20.02 -2.78
C THR D 187 -16.09 18.78 -1.88
N ALA D 188 -17.15 18.05 -1.42
CA ALA D 188 -16.93 16.86 -0.69
C ALA D 188 -16.24 15.76 -1.55
N GLU D 189 -16.31 15.91 -2.87
CA GLU D 189 -15.65 14.92 -3.75
C GLU D 189 -14.27 15.50 -4.21
N TYR D 190 -13.27 14.75 -3.78
CA TYR D 190 -11.90 15.18 -4.10
C TYR D 190 -10.97 14.05 -4.10
N TYR D 191 -9.78 14.26 -4.66
CA TYR D 191 -8.62 13.43 -4.64
C TYR D 191 -7.64 13.97 -3.58
N ARG D 192 -6.97 13.06 -2.89
CA ARG D 192 -6.02 13.50 -1.84
C ARG D 192 -4.81 12.65 -1.91
N TYR D 193 -3.65 13.30 -1.87
CA TYR D 193 -2.39 12.52 -1.88
C TYR D 193 -1.26 13.34 -1.24
N ARG D 194 -0.24 12.62 -0.88
CA ARG D 194 0.96 13.33 -0.30
C ARG D 194 1.95 13.63 -1.37
N GLY D 195 2.28 14.92 -1.45
CA GLY D 195 3.21 15.38 -2.48
C GLY D 195 4.07 16.52 -2.03
N SER D 196 4.34 17.37 -2.99
CA SER D 196 5.35 18.43 -2.82
C SER D 196 4.83 19.74 -3.31
N LEU D 197 5.68 20.74 -3.12
CA LEU D 197 5.50 22.00 -3.84
C LEU D 197 5.84 21.70 -5.32
N THR D 198 5.12 22.40 -6.23
CA THR D 198 5.40 22.15 -7.64
C THR D 198 6.39 23.12 -8.25
N THR D 199 6.94 23.98 -7.37
CA THR D 199 8.02 24.92 -7.76
C THR D 199 9.16 24.68 -6.80
N PRO D 200 10.39 25.12 -7.19
CA PRO D 200 11.49 25.12 -6.23
C PRO D 200 11.02 25.81 -4.93
N PRO D 201 11.46 25.32 -3.76
CA PRO D 201 12.39 24.20 -3.62
C PRO D 201 11.85 22.81 -3.65
N CYS D 202 10.55 22.71 -4.01
CA CYS D 202 9.97 21.33 -4.29
C CYS D 202 9.89 20.43 -3.00
N ASN D 203 9.75 21.10 -1.87
CA ASN D 203 9.77 20.34 -0.61
C ASN D 203 8.64 19.38 -0.60
N PRO D 204 8.85 18.16 -0.16
CA PRO D 204 7.78 17.10 -0.13
C PRO D 204 6.93 17.19 1.14
N THR D 205 6.32 18.36 1.34
CA THR D 205 5.65 18.72 2.56
C THR D 205 4.22 19.13 2.34
N VAL D 206 3.63 18.76 1.17
CA VAL D 206 2.27 19.23 0.89
C VAL D 206 1.29 18.07 0.87
N LEU D 207 0.23 18.26 1.63
CA LEU D 207 -0.95 17.38 1.51
C LEU D 207 -1.87 18.05 0.49
N TRP D 208 -2.00 17.39 -0.66
CA TRP D 208 -2.81 17.90 -1.78
C TRP D 208 -4.25 17.46 -1.70
N THR D 209 -5.14 18.38 -1.98
CA THR D 209 -6.58 18.04 -2.16
C THR D 209 -6.93 18.63 -3.51
N VAL D 210 -7.26 17.82 -4.48
CA VAL D 210 -7.65 18.30 -5.81
C VAL D 210 -9.15 18.01 -5.94
N PHE D 211 -9.96 19.03 -6.09
CA PHE D 211 -11.42 18.77 -6.20
C PHE D 211 -11.70 18.00 -7.50
N ARG D 212 -12.72 17.13 -7.42
CA ARG D 212 -13.07 16.28 -8.58
C ARG D 212 -13.67 17.11 -9.69
N ASN D 213 -14.38 18.13 -9.38
CA ASN D 213 -15.11 18.88 -10.42
C ASN D 213 -14.33 20.17 -10.74
N PRO D 214 -14.25 20.52 -11.99
CA PRO D 214 -13.63 21.83 -12.38
C PRO D 214 -14.55 22.98 -12.27
N VAL D 215 -13.99 24.20 -12.32
CA VAL D 215 -14.77 25.41 -12.57
C VAL D 215 -14.51 25.87 -13.94
N GLN D 216 -15.23 26.84 -14.44
CA GLN D 216 -14.99 27.38 -15.77
C GLN D 216 -14.68 28.84 -15.70
N ILE D 217 -13.81 29.29 -16.56
CA ILE D 217 -13.60 30.75 -16.84
C ILE D 217 -13.68 30.92 -18.39
N SER D 218 -13.92 32.13 -18.86
CA SER D 218 -14.06 32.22 -20.30
C SER D 218 -12.79 32.24 -21.08
N GLN D 219 -12.83 32.04 -22.39
CA GLN D 219 -11.67 32.20 -23.21
C GLN D 219 -11.05 33.60 -23.03
N GLU D 220 -11.89 34.60 -22.94
CA GLU D 220 -11.33 35.94 -22.84
C GLU D 220 -10.63 36.09 -21.49
N GLN D 221 -11.13 35.46 -20.42
CA GLN D 221 -10.40 35.54 -19.13
C GLN D 221 -9.13 34.77 -19.21
N LEU D 222 -9.10 33.61 -19.89
CA LEU D 222 -7.84 32.88 -20.03
C LEU D 222 -6.85 33.67 -20.85
N LEU D 223 -7.28 34.27 -21.95
CA LEU D 223 -6.34 34.97 -22.81
C LEU D 223 -5.79 36.15 -22.02
N ALA D 224 -6.61 36.80 -21.23
CA ALA D 224 -6.09 37.95 -20.46
C ALA D 224 -5.06 37.46 -19.42
N LEU D 225 -5.33 36.35 -18.74
CA LEU D 225 -4.41 35.75 -17.84
C LEU D 225 -3.10 35.39 -18.54
N GLU D 226 -3.16 34.78 -19.72
CA GLU D 226 -2.03 34.29 -20.48
C GLU D 226 -1.22 35.39 -21.09
N THR D 227 -1.71 36.61 -21.13
CA THR D 227 -0.95 37.67 -21.82
C THR D 227 -0.72 38.83 -20.89
N ALA D 228 -1.14 38.79 -19.62
CA ALA D 228 -1.05 40.00 -18.80
C ALA D 228 0.32 40.11 -18.10
N LEU D 229 1.05 39.04 -17.89
CA LEU D 229 2.09 39.08 -16.86
C LEU D 229 3.45 38.72 -17.43
N TYR D 230 4.48 39.27 -16.78
CA TYR D 230 5.89 38.99 -17.05
C TYR D 230 6.59 38.49 -15.85
N CYS D 231 7.61 37.63 -16.08
CA CYS D 231 8.42 37.16 -14.98
C CYS D 231 9.50 38.14 -14.61
N THR D 232 9.75 39.10 -15.45
CA THR D 232 10.86 40.04 -15.28
C THR D 232 10.43 41.39 -14.76
N HIS D 233 11.42 42.11 -14.24
CA HIS D 233 11.19 43.47 -13.82
C HIS D 233 10.89 44.35 -15.02
N MET D 234 10.12 45.39 -14.76
CA MET D 234 9.77 46.30 -15.84
C MET D 234 10.94 46.81 -16.72
N ASP D 235 12.08 47.05 -16.10
CA ASP D 235 13.23 47.54 -16.86
C ASP D 235 14.20 46.48 -17.39
N ASP D 236 13.89 45.20 -17.32
CA ASP D 236 14.80 44.18 -17.73
C ASP D 236 14.96 44.26 -19.25
N PRO D 237 16.20 44.23 -19.74
CA PRO D 237 16.35 44.32 -21.19
C PRO D 237 16.06 43.00 -21.92
N SER D 238 15.87 41.89 -21.16
CA SER D 238 15.43 40.60 -21.72
C SER D 238 14.09 40.16 -21.09
N PRO D 239 13.01 40.78 -21.51
CA PRO D 239 11.74 40.40 -20.84
C PRO D 239 11.32 39.01 -21.12
N ARG D 240 10.63 38.46 -20.12
CA ARG D 240 10.11 37.08 -20.34
C ARG D 240 8.64 37.02 -19.89
N GLU D 241 7.76 36.64 -20.80
CA GLU D 241 6.34 36.44 -20.46
C GLU D 241 6.14 35.30 -19.45
N MET D 242 5.20 35.55 -18.52
CA MET D 242 4.78 34.54 -17.59
C MET D 242 3.69 33.68 -18.23
N ILE D 243 4.16 32.62 -18.86
CA ILE D 243 3.33 31.69 -19.66
C ILE D 243 3.87 30.32 -19.35
N ASN D 244 3.00 29.32 -19.53
CA ASN D 244 3.37 27.95 -19.37
C ASN D 244 4.04 27.66 -18.04
N ASN D 245 3.46 28.23 -17.01
CA ASN D 245 4.09 28.15 -15.68
C ASN D 245 3.51 27.02 -14.90
N PHE D 246 3.60 25.86 -15.46
CA PHE D 246 3.23 24.58 -14.84
C PHE D 246 4.38 23.61 -14.96
N ARG D 247 4.49 22.77 -13.97
CA ARG D 247 5.50 21.67 -14.00
C ARG D 247 4.83 20.45 -14.66
N GLN D 248 5.63 19.66 -15.41
CA GLN D 248 5.12 18.34 -15.93
C GLN D 248 4.76 17.42 -14.81
N VAL D 249 3.87 16.49 -15.12
CA VAL D 249 3.56 15.50 -14.06
C VAL D 249 4.74 14.56 -13.73
N GLN D 250 4.73 14.10 -12.54
CA GLN D 250 5.83 13.31 -11.97
C GLN D 250 5.58 11.83 -11.85
N LYS D 251 6.63 11.05 -11.73
CA LYS D 251 6.45 9.62 -11.43
C LYS D 251 5.70 9.47 -10.10
N PHE D 252 4.80 8.55 -10.04
N PHE D 252 4.86 8.44 -10.00
CA PHE D 252 4.13 8.41 -8.77
CA PHE D 252 4.11 8.14 -8.80
C PHE D 252 4.75 7.15 -8.09
C PHE D 252 4.86 7.52 -7.69
N ASP D 253 6.01 7.40 -7.63
N ASP D 253 5.54 6.49 -8.13
CA ASP D 253 6.84 6.62 -6.67
CA ASP D 253 5.15 5.14 -8.04
C ASP D 253 6.03 5.69 -5.68
C ASP D 253 5.21 4.70 -6.59
N GLU D 254 5.17 4.80 -6.24
N GLU D 254 4.57 3.60 -6.22
CA GLU D 254 4.40 3.75 -5.51
CA GLU D 254 4.44 3.47 -4.77
C GLU D 254 3.14 4.30 -4.86
C GLU D 254 3.27 4.32 -4.27
N ARG D 255 3.11 5.60 -4.69
CA ARG D 255 1.95 6.31 -4.12
C ARG D 255 0.56 5.94 -4.75
N LEU D 256 -0.52 5.90 -3.94
CA LEU D 256 -1.91 5.89 -4.41
C LEU D 256 -2.47 7.28 -4.15
N VAL D 257 -3.47 7.63 -4.91
CA VAL D 257 -4.27 8.83 -4.66
C VAL D 257 -5.58 8.34 -4.11
N TYR D 258 -5.94 8.83 -2.97
CA TYR D 258 -7.15 8.42 -2.23
C TYR D 258 -8.29 9.32 -2.64
N THR D 259 -9.49 8.77 -2.78
CA THR D 259 -10.60 9.55 -3.26
C THR D 259 -11.72 9.53 -2.24
N SER D 260 -12.48 10.57 -2.19
CA SER D 260 -13.61 10.64 -1.24
C SER D 260 -14.87 10.15 -1.98
N PHE D 261 -14.77 9.67 -3.21
CA PHE D 261 -15.88 9.22 -4.05
C PHE D 261 -15.53 7.93 -4.69
N SER D 262 -16.61 7.16 -4.99
CA SER D 262 -16.53 5.97 -5.90
C SER D 262 -16.81 6.28 -7.41
ZN ZN E . 3.29 -24.68 8.65
C3 6Z9 F . 6.79 -23.71 8.86
C3 6Z9 F . 6.78 -23.71 8.86
C4 6Z9 F . 6.58 -24.40 10.05
C4 6Z9 F . 6.55 -24.42 10.02
C8 6Z9 F . 8.92 -25.12 10.17
C8 6Z9 F . 8.86 -25.17 10.14
C6 6Z9 F . 7.60 -25.09 10.69
C6 6Z9 F . 7.56 -25.13 10.65
C11 6Z9 F . 9.64 -27.65 11.65
C11 6Z9 F . 10.07 -26.17 12.96
C12 6Z9 F . 9.32 -28.43 10.40
C12 6Z9 F . 11.02 -25.10 13.47
C15 6Z9 F . 9.12 -24.50 8.96
C15 6Z9 F . 9.09 -24.53 8.92
C17 6Z9 F . 11.11 -23.14 8.18
C17 6Z9 F . 11.04 -23.08 8.28
C18 6Z9 F . 11.56 -22.47 9.49
C18 6Z9 F . 11.57 -22.51 9.60
C19 6Z9 F . 12.97 -22.89 9.88
C19 6Z9 F . 12.91 -23.12 9.95
C20 6Z9 F . 13.94 -22.51 8.76
C20 6Z9 F . 13.95 -22.86 8.84
C21 6Z9 F . 13.52 -23.12 7.44
C21 6Z9 F . 13.41 -23.07 7.45
C22 6Z9 F . 12.16 -23.39 7.16
C22 6Z9 F . 12.03 -23.13 7.18
C23 6Z9 F . 11.78 -23.94 5.94
C23 6Z9 F . 11.55 -23.29 5.89
C24 6Z9 F . 12.74 -24.22 4.97
C24 6Z9 F . 12.44 -23.40 4.82
C25 6Z9 F . 14.09 -23.95 5.24
C25 6Z9 F . 13.81 -23.34 5.07
C26 6Z9 F . 14.49 -23.41 6.47
C26 6Z9 F . 14.30 -23.19 6.37
C27 6Z9 F . 8.08 -23.79 8.35
C27 6Z9 F . 8.07 -23.80 8.34
O30 6Z9 F . 5.40 -23.36 6.61
O30 6Z9 F . 5.38 -23.35 6.61
S2 6Z9 F . 5.52 -22.81 7.97
S2 6Z9 F . 5.52 -22.79 7.96
O1 6Z9 F . 5.85 -21.36 7.94
O1 6Z9 F . 5.86 -21.34 7.92
N29 6Z9 F . 4.11 -22.95 8.77
N29 6Z9 F . 4.09 -22.95 8.77
F28 6Z9 F . 8.29 -23.22 7.17
F28 6Z9 F . 8.29 -23.19 7.16
S9 6Z9 F . 10.16 -26.02 11.14
S9 6Z9 F . 9.99 -26.19 11.12
O14 6Z9 F . 11.57 -26.14 10.53
O14 6Z9 F . 9.39 -27.51 10.68
O13 6Z9 F . 7.99 -28.28 10.08
O13 6Z9 F . 10.76 -23.97 12.74
O10 6Z9 F . 10.64 -25.15 12.35
O10 6Z9 F . 11.46 -26.18 10.56
F7 6Z9 F . 7.37 -25.75 11.86
F7 6Z9 F . 7.32 -25.82 11.81
F5 6Z9 F . 5.39 -24.42 10.67
F5 6Z9 F . 5.37 -24.43 10.66
N16 6Z9 F . 10.40 -24.43 8.35
N16 6Z9 F . 10.37 -24.43 8.30
ZN ZN G . -10.34 -2.05 26.92
C3 6Z9 H . -7.70 -1.40 29.32
C4 6Z9 H . -7.26 -0.60 28.26
C8 6Z9 H . -6.21 1.07 29.63
C6 6Z9 H . -6.61 0.62 28.37
C11 6Z9 H . -3.35 2.57 29.10
C12 6Z9 H . -2.78 1.27 29.64
C15 6Z9 H . -6.59 0.27 30.74
C17 6Z9 H . -5.49 -0.01 33.15
C18 6Z9 H . -4.04 -0.27 32.75
C19 6Z9 H . -2.99 0.62 33.38
C20 6Z9 H . -3.29 0.74 34.89
C21 6Z9 H . -4.71 1.14 35.24
C22 6Z9 H . -5.79 0.76 34.40
C23 6Z9 H . -7.12 1.15 34.69
C24 6Z9 H . -7.37 1.89 35.86
C25 6Z9 H . -6.29 2.25 36.71
C26 6Z9 H . -4.97 1.86 36.41
C27 6Z9 H . -7.35 -0.89 30.55
O30 6Z9 H . -9.87 -2.78 29.96
S2 6Z9 H . -8.65 -2.98 29.23
O1 6Z9 H . -7.82 -4.14 29.63
N29 6Z9 H . -8.97 -3.07 27.65
F28 6Z9 H . -7.75 -1.56 31.66
S9 6Z9 H . -5.14 2.55 29.60
O14 6Z9 H . -5.81 3.60 28.71
O13 6Z9 H . -1.39 1.26 30.04
O10 6Z9 H . -5.09 3.06 31.05
F7 6Z9 H . -6.23 1.28 27.19
F5 6Z9 H . -7.56 -0.87 26.96
N16 6Z9 H . -6.25 0.68 32.08
ZN ZN I . 14.20 3.67 -25.52
C3 6Z9 J . 17.73 4.58 -25.36
C4 6Z9 J . 17.51 3.90 -24.14
C8 6Z9 J . 19.76 3.13 -24.08
C6 6Z9 J . 18.47 3.15 -23.53
C11 6Z9 J . 20.29 0.46 -22.71
C12 6Z9 J . 19.28 -0.23 -23.62
C15 6Z9 J . 20.02 3.70 -25.33
C17 6Z9 J . 21.95 5.08 -26.02
C18 6Z9 J . 22.34 5.60 -24.62
C19 6Z9 J . 23.71 6.26 -24.67
C20 6Z9 J . 24.75 5.29 -25.24
C21 6Z9 J . 24.36 4.98 -26.67
C22 6Z9 J . 22.99 4.93 -27.06
C23 6Z9 J . 22.58 4.71 -28.37
C24 6Z9 J . 23.60 4.51 -29.33
C25 6Z9 J . 24.95 4.55 -28.93
C26 6Z9 J . 25.37 4.81 -27.62
C27 6Z9 J . 19.01 4.50 -25.93
O30 6Z9 J . 16.25 4.93 -27.59
S2 6Z9 J . 16.42 5.54 -26.32
O1 6Z9 J . 16.71 6.99 -26.38
N29 6Z9 J . 15.07 5.35 -25.41
F28 6Z9 J . 19.17 5.08 -27.14
S9 6Z9 J . 20.87 2.12 -23.11
O14 6Z9 J . 22.25 1.96 -23.84
O13 6Z9 J . 18.90 0.48 -24.75
O10 6Z9 J . 21.37 2.95 -21.85
F7 6Z9 J . 18.17 2.51 -22.35
F5 6Z9 J . 16.22 3.95 -23.52
N16 6Z9 J . 21.30 3.77 -25.91
ZN ZN K . 0.75 26.22 -7.43
C3 6Z9 L . 3.43 26.94 -5.11
C4 6Z9 L . 3.83 27.72 -6.17
C8 6Z9 L . 4.90 29.36 -4.77
C6 6Z9 L . 4.56 28.89 -6.01
C11 6Z9 L . 7.73 30.66 -5.63
C12 6Z9 L . 8.59 29.89 -4.60
C15 6Z9 L . 4.50 28.63 -3.66
C17 6Z9 L . 5.26 28.37 -1.15
C18 6Z9 L . 6.58 27.79 -1.59
C19 6Z9 L . 7.86 28.54 -1.20
C20 6Z9 L . 7.79 28.88 0.29
C21 6Z9 L . 6.49 29.53 0.70
C22 6Z9 L . 5.26 29.30 0.00
C23 6Z9 L . 4.07 29.92 0.35
C24 6Z9 L . 4.09 30.82 1.45
C25 6Z9 L . 5.29 31.06 2.14
C26 6Z9 L . 6.48 30.42 1.76
C27 6Z9 L . 3.81 27.47 -3.89
O30 6Z9 L . 1.29 25.51 -4.33
S2 6Z9 L . 2.49 25.30 -5.14
O1 6Z9 L . 3.34 24.16 -4.76
N29 6Z9 L . 2.20 25.16 -6.68
F28 6Z9 L . 3.38 26.79 -2.74
S9 6Z9 L . 6.00 30.80 -4.96
O14 6Z9 L . 5.20 31.90 -5.62
O13 6Z9 L . 10.00 29.69 -4.79
O10 6Z9 L . 6.24 31.35 -3.51
F7 6Z9 L . 4.89 29.59 -7.14
F5 6Z9 L . 3.52 27.37 -7.46
N16 6Z9 L . 4.77 29.09 -2.32
#